data_1K5K
#
_entry.id   1K5K
#
_entity_poly.entity_id   1
_entity_poly.type   'polypeptide(L)'
_entity_poly.pdbx_seq_one_letter_code
;MDPVDPNLEPWNHPGSQPRTPCNKCYCKKCCYHCQMCFITKGLGISYGRKKRRQRRRPPQGNQAHQDPLPEQPSSQHRGD
HPTGPKE
;
_entity_poly.pdbx_strand_id   A
#
# COMPACT_ATOMS: atom_id res chain seq x y z
N MET A 1 0.99 1.26 -12.59
CA MET A 1 0.14 1.36 -11.37
C MET A 1 -0.72 2.66 -11.30
N ASP A 2 -0.13 3.87 -11.39
CA ASP A 2 -0.88 5.16 -11.42
C ASP A 2 -2.06 5.33 -12.47
N PRO A 3 -2.08 4.87 -13.77
CA PRO A 3 -3.26 5.06 -14.68
C PRO A 3 -4.62 4.33 -14.38
N VAL A 4 -4.78 3.52 -13.32
CA VAL A 4 -6.08 2.84 -12.98
C VAL A 4 -7.08 3.84 -12.29
N ASP A 5 -7.30 3.80 -10.96
CA ASP A 5 -8.11 4.81 -10.22
C ASP A 5 -7.54 5.29 -8.82
N PRO A 6 -7.04 4.48 -7.82
CA PRO A 6 -7.25 3.00 -7.73
C PRO A 6 -8.21 2.56 -6.56
N ASN A 7 -9.13 1.60 -6.80
CA ASN A 7 -9.97 0.99 -5.72
C ASN A 7 -9.16 0.03 -4.78
N LEU A 8 -8.93 -1.23 -5.20
CA LEU A 8 -7.96 -2.16 -4.53
C LEU A 8 -7.16 -2.88 -5.67
N GLU A 9 -5.95 -2.40 -5.95
CA GLU A 9 -5.14 -2.84 -7.12
C GLU A 9 -4.14 -4.01 -6.77
N PRO A 10 -3.75 -4.95 -7.69
CA PRO A 10 -2.68 -5.97 -7.42
C PRO A 10 -1.36 -5.58 -6.64
N TRP A 11 -0.78 -4.40 -6.92
CA TRP A 11 -0.06 -3.63 -5.86
C TRP A 11 -0.18 -2.10 -6.15
N ASN A 12 -0.90 -1.34 -5.30
CA ASN A 12 -0.75 0.15 -5.25
C ASN A 12 -1.16 0.69 -3.84
N HIS A 13 -0.21 0.81 -2.90
CA HIS A 13 -0.43 1.42 -1.57
C HIS A 13 0.17 2.87 -1.51
N PRO A 14 -0.61 4.00 -1.43
CA PRO A 14 -0.04 5.37 -1.27
C PRO A 14 0.65 5.76 0.08
N GLY A 15 -0.02 5.60 1.23
CA GLY A 15 0.53 6.06 2.55
C GLY A 15 0.13 5.19 3.75
N SER A 16 -0.61 5.76 4.72
CA SER A 16 -1.30 5.00 5.81
C SER A 16 -2.36 5.90 6.55
N GLN A 17 -2.04 6.38 7.77
CA GLN A 17 -3.06 6.81 8.78
C GLN A 17 -2.92 8.33 9.22
N PRO A 18 -3.96 9.07 9.71
CA PRO A 18 -5.30 8.52 10.11
C PRO A 18 -6.33 8.34 8.95
N ARG A 19 -6.75 7.09 8.71
CA ARG A 19 -7.65 6.65 7.59
C ARG A 19 -7.66 7.46 6.23
N THR A 20 -6.49 7.75 5.64
CA THR A 20 -6.31 8.94 4.75
C THR A 20 -6.62 8.69 3.22
N PRO A 21 -6.01 7.76 2.44
CA PRO A 21 -4.73 7.06 2.79
C PRO A 21 -3.35 7.80 2.56
N CYS A 22 -3.23 8.70 1.57
CA CYS A 22 -1.92 9.25 1.10
C CYS A 22 -1.02 10.04 2.11
N ASN A 23 -1.58 11.00 2.89
CA ASN A 23 -0.77 11.99 3.70
C ASN A 23 0.05 13.01 2.80
N LYS A 24 0.91 13.87 3.39
CA LYS A 24 2.00 14.56 2.61
C LYS A 24 3.36 13.76 2.48
N CYS A 25 3.39 12.43 2.73
CA CYS A 25 4.59 11.57 2.59
C CYS A 25 4.18 10.05 2.48
N TYR A 26 4.98 9.25 1.74
CA TYR A 26 4.82 7.77 1.68
C TYR A 26 4.97 7.03 3.07
N CYS A 27 4.16 5.98 3.29
CA CYS A 27 4.10 5.19 4.55
C CYS A 27 3.54 5.99 5.78
N LYS A 28 4.38 6.68 6.59
CA LYS A 28 3.93 7.72 7.57
C LYS A 28 2.99 7.21 8.74
N LYS A 29 3.53 6.86 9.92
CA LYS A 29 2.73 6.38 11.09
C LYS A 29 1.73 7.44 11.71
N CYS A 30 0.67 7.00 12.41
CA CYS A 30 -0.11 7.88 13.34
C CYS A 30 -0.41 7.20 14.73
N CYS A 31 -1.28 6.22 15.01
CA CYS A 31 -2.06 5.45 14.00
C CYS A 31 -1.30 4.20 13.43
N TYR A 32 -2.01 3.22 12.84
CA TYR A 32 -1.39 1.96 12.35
C TYR A 32 -0.45 2.11 11.08
N HIS A 33 0.83 1.77 11.25
CA HIS A 33 1.43 0.70 10.41
C HIS A 33 2.54 -0.06 11.23
N CYS A 34 2.35 -1.37 11.47
CA CYS A 34 3.36 -2.22 12.14
C CYS A 34 4.57 -2.63 11.23
N GLN A 35 5.80 -2.33 11.68
CA GLN A 35 7.09 -2.76 11.05
C GLN A 35 7.35 -2.39 9.54
N MET A 36 6.98 -3.27 8.59
CA MET A 36 7.45 -3.24 7.17
C MET A 36 7.20 -1.90 6.39
N CYS A 37 8.21 -1.03 6.18
CA CYS A 37 7.98 0.35 5.67
C CYS A 37 7.58 0.44 4.15
N PHE A 38 8.52 0.30 3.20
CA PHE A 38 8.20 0.02 1.76
C PHE A 38 9.42 -0.69 1.07
N ILE A 39 9.45 -2.03 1.14
CA ILE A 39 10.46 -2.86 0.40
C ILE A 39 9.95 -3.16 -1.06
N THR A 40 10.65 -2.63 -2.09
CA THR A 40 10.09 -2.52 -3.48
C THR A 40 10.11 -3.84 -4.33
N LYS A 41 9.16 -4.74 -4.05
CA LYS A 41 8.99 -6.05 -4.76
C LYS A 41 7.81 -6.01 -5.80
N GLY A 42 8.06 -5.39 -6.97
CA GLY A 42 7.03 -5.25 -8.05
C GLY A 42 7.09 -3.88 -8.74
N LEU A 43 7.91 -3.73 -9.80
CA LEU A 43 8.32 -2.38 -10.30
C LEU A 43 7.39 -1.78 -11.43
N GLY A 44 6.09 -1.59 -11.12
CA GLY A 44 5.09 -1.03 -12.07
C GLY A 44 5.19 0.49 -12.30
N ILE A 45 4.66 1.30 -11.38
CA ILE A 45 4.94 2.78 -11.34
C ILE A 45 5.29 3.18 -9.86
N SER A 46 4.34 3.16 -8.91
CA SER A 46 4.56 3.60 -7.49
C SER A 46 5.73 2.92 -6.69
N TYR A 47 5.83 1.58 -6.65
CA TYR A 47 7.15 0.89 -6.54
C TYR A 47 7.99 1.08 -7.86
N GLY A 48 9.12 1.81 -7.79
CA GLY A 48 9.88 2.20 -9.02
C GLY A 48 11.21 2.96 -8.78
N ARG A 49 12.28 2.53 -9.47
CA ARG A 49 13.62 3.19 -9.39
C ARG A 49 13.66 4.55 -10.19
N LYS A 50 13.68 4.53 -11.54
CA LYS A 50 13.32 5.73 -12.37
C LYS A 50 11.82 5.68 -12.86
N LYS A 51 10.85 5.62 -11.93
CA LYS A 51 9.39 5.83 -12.22
C LYS A 51 8.76 6.63 -11.01
N ARG A 52 7.87 6.02 -10.20
CA ARG A 52 7.42 6.53 -8.87
C ARG A 52 6.46 7.76 -8.89
N ARG A 53 5.13 7.50 -8.99
CA ARG A 53 4.08 8.49 -8.63
C ARG A 53 3.10 7.90 -7.55
N GLN A 54 1.89 8.46 -7.37
CA GLN A 54 1.07 8.30 -6.12
C GLN A 54 -0.40 8.81 -6.36
N ARG A 55 -1.41 7.92 -6.30
CA ARG A 55 -2.83 8.28 -6.63
C ARG A 55 -3.83 7.74 -5.54
N ARG A 56 -4.80 8.57 -5.11
CA ARG A 56 -5.65 8.29 -3.90
C ARG A 56 -7.19 8.40 -4.20
N ARG A 57 -7.94 7.29 -4.06
CA ARG A 57 -9.37 7.22 -4.51
C ARG A 57 -10.40 6.85 -3.35
N PRO A 58 -10.46 5.64 -2.70
CA PRO A 58 -11.43 5.36 -1.60
C PRO A 58 -11.18 6.10 -0.22
N PRO A 59 -12.04 5.98 0.85
CA PRO A 59 -11.83 6.68 2.16
C PRO A 59 -10.44 6.67 2.89
N GLN A 60 -9.71 5.65 3.37
CA GLN A 60 -10.04 4.20 3.33
C GLN A 60 -9.39 3.43 4.53
N GLY A 61 -9.99 2.29 4.94
CA GLY A 61 -9.28 1.27 5.79
C GLY A 61 -8.19 0.46 5.07
N ASN A 62 -8.62 -0.49 4.22
CA ASN A 62 -7.68 -1.38 3.49
C ASN A 62 -6.53 -0.67 2.71
N GLN A 63 -6.80 0.34 1.87
CA GLN A 63 -5.74 1.22 1.29
C GLN A 63 -4.95 2.19 2.28
N ALA A 64 -5.28 2.29 3.57
CA ALA A 64 -4.32 2.74 4.63
C ALA A 64 -3.41 1.62 5.28
N HIS A 65 -3.95 0.42 5.49
CA HIS A 65 -3.26 -0.76 6.12
C HIS A 65 -2.36 -1.60 5.13
N GLN A 66 -2.93 -2.00 3.99
CA GLN A 66 -2.56 -3.24 3.24
C GLN A 66 -1.34 -3.11 2.26
N ASP A 67 -0.62 -4.22 2.02
CA ASP A 67 0.19 -4.40 0.76
C ASP A 67 -0.57 -5.21 -0.36
N PRO A 68 -1.05 -6.49 -0.21
CA PRO A 68 -1.43 -7.34 -1.38
C PRO A 68 -2.95 -7.28 -1.75
N LEU A 69 -3.68 -8.42 -1.68
CA LEU A 69 -5.17 -8.49 -1.87
C LEU A 69 -5.82 -9.66 -1.05
N PRO A 70 -5.44 -10.98 -1.09
CA PRO A 70 -6.17 -12.06 -0.36
C PRO A 70 -5.79 -12.21 1.15
N GLU A 71 -6.69 -12.80 1.93
CA GLU A 71 -6.45 -13.17 3.37
C GLU A 71 -5.54 -14.44 3.57
N GLN A 72 -4.26 -14.33 3.16
CA GLN A 72 -3.32 -15.49 3.09
C GLN A 72 -1.93 -15.06 3.66
N PRO A 73 -1.61 -15.11 5.00
CA PRO A 73 -0.36 -14.50 5.55
C PRO A 73 0.98 -15.25 5.26
N SER A 74 1.66 -14.84 4.17
CA SER A 74 3.02 -15.31 3.81
C SER A 74 3.82 -14.17 3.08
N SER A 75 4.52 -14.44 1.95
CA SER A 75 5.16 -13.39 1.10
C SER A 75 4.97 -13.63 -0.44
N GLN A 76 5.17 -12.55 -1.24
CA GLN A 76 4.93 -12.52 -2.70
C GLN A 76 3.41 -12.47 -3.10
N HIS A 77 2.78 -11.29 -2.92
CA HIS A 77 1.30 -11.11 -2.98
C HIS A 77 0.43 -12.00 -2.00
N ARG A 78 0.80 -11.99 -0.71
CA ARG A 78 0.23 -12.87 0.34
C ARG A 78 0.04 -12.04 1.66
N GLY A 79 1.13 -11.64 2.37
CA GLY A 79 1.07 -10.71 3.52
C GLY A 79 2.20 -9.64 3.54
N ASP A 80 2.26 -8.81 2.49
CA ASP A 80 3.51 -8.11 2.05
C ASP A 80 4.34 -7.19 3.03
N HIS A 81 3.68 -6.54 4.00
CA HIS A 81 4.34 -5.56 4.93
C HIS A 81 3.71 -5.31 6.36
N PRO A 82 2.39 -5.38 6.70
CA PRO A 82 1.90 -5.23 8.11
C PRO A 82 1.84 -6.58 8.92
N THR A 83 1.21 -6.53 10.10
CA THR A 83 0.27 -7.62 10.51
C THR A 83 -1.11 -7.34 9.77
N GLY A 84 -1.25 -7.83 8.53
CA GLY A 84 -2.33 -7.37 7.61
C GLY A 84 -2.21 -7.90 6.16
N PRO A 85 -2.75 -9.08 5.77
CA PRO A 85 -2.91 -9.47 4.34
C PRO A 85 -4.09 -8.80 3.54
N LYS A 86 -5.22 -8.50 4.21
CA LYS A 86 -6.44 -7.92 3.58
C LYS A 86 -7.10 -6.92 4.59
N GLU A 87 -6.71 -5.63 4.51
CA GLU A 87 -6.54 -4.73 5.69
C GLU A 87 -5.12 -5.02 6.29
N MET A 1 0.99 1.36 -12.66
CA MET A 1 0.17 1.32 -11.42
C MET A 1 -0.68 2.67 -11.23
N ASP A 2 -0.09 3.87 -11.42
CA ASP A 2 -0.91 5.14 -11.48
C ASP A 2 -2.01 5.26 -12.61
N PRO A 3 -2.05 4.74 -13.89
CA PRO A 3 -3.25 4.94 -14.81
C PRO A 3 -4.64 4.29 -14.52
N VAL A 4 -4.85 3.46 -13.51
CA VAL A 4 -6.18 2.82 -13.11
C VAL A 4 -7.08 3.89 -12.40
N ASP A 5 -7.29 3.79 -11.05
CA ASP A 5 -8.03 4.86 -10.27
C ASP A 5 -7.52 5.32 -8.87
N PRO A 6 -6.98 4.47 -7.93
CA PRO A 6 -7.29 3.00 -7.79
C PRO A 6 -8.30 2.58 -6.67
N ASN A 7 -9.10 1.53 -6.88
CA ASN A 7 -9.97 0.98 -5.77
C ASN A 7 -9.20 0.06 -4.72
N LEU A 8 -9.02 -1.23 -4.97
CA LEU A 8 -7.96 -2.08 -4.36
C LEU A 8 -7.22 -2.86 -5.48
N GLU A 9 -5.97 -2.43 -5.73
CA GLU A 9 -5.20 -2.85 -6.92
C GLU A 9 -4.27 -4.06 -6.63
N PRO A 10 -3.87 -4.99 -7.59
CA PRO A 10 -2.82 -6.02 -7.43
C PRO A 10 -1.52 -5.71 -6.64
N TRP A 11 -0.82 -4.61 -6.99
CA TRP A 11 -0.11 -3.77 -5.97
C TRP A 11 -0.34 -2.23 -6.20
N ASN A 12 -0.88 -1.45 -5.23
CA ASN A 12 -0.79 0.06 -5.22
C ASN A 12 -1.16 0.62 -3.81
N HIS A 13 -0.22 0.69 -2.89
CA HIS A 13 -0.43 1.39 -1.59
C HIS A 13 0.15 2.86 -1.61
N PRO A 14 -0.64 4.00 -1.64
CA PRO A 14 -0.15 5.39 -1.33
C PRO A 14 0.58 5.66 0.02
N GLY A 15 0.02 5.32 1.20
CA GLY A 15 0.59 5.78 2.47
C GLY A 15 0.21 5.06 3.77
N SER A 16 -0.50 5.73 4.69
CA SER A 16 -1.20 4.99 5.77
C SER A 16 -2.21 5.86 6.58
N GLN A 17 -1.89 6.26 7.82
CA GLN A 17 -2.96 6.69 8.78
C GLN A 17 -2.89 8.21 9.17
N PRO A 18 -3.89 8.92 9.75
CA PRO A 18 -5.19 8.40 10.18
C PRO A 18 -6.27 8.19 9.03
N ARG A 19 -6.77 6.95 8.82
CA ARG A 19 -7.55 6.48 7.60
C ARG A 19 -7.61 7.46 6.33
N THR A 20 -6.45 7.83 5.74
CA THR A 20 -6.33 9.07 4.86
C THR A 20 -6.63 8.73 3.35
N PRO A 21 -5.96 7.82 2.54
CA PRO A 21 -4.68 7.14 2.88
C PRO A 21 -3.31 7.83 2.48
N CYS A 22 -3.20 8.79 1.55
CA CYS A 22 -1.91 9.33 1.03
C CYS A 22 -0.97 9.98 2.08
N ASN A 23 -1.54 10.92 2.87
CA ASN A 23 -0.75 11.92 3.63
C ASN A 23 0.07 12.92 2.69
N LYS A 24 0.80 13.88 3.28
CA LYS A 24 1.96 14.54 2.56
C LYS A 24 3.27 13.65 2.47
N CYS A 25 3.24 12.33 2.60
CA CYS A 25 4.45 11.49 2.60
C CYS A 25 4.07 9.94 2.49
N TYR A 26 4.83 9.16 1.72
CA TYR A 26 4.76 7.65 1.69
C TYR A 26 4.95 6.94 3.06
N CYS A 27 4.17 5.86 3.25
CA CYS A 27 4.11 5.06 4.53
C CYS A 27 3.62 5.80 5.86
N LYS A 28 4.44 6.62 6.53
CA LYS A 28 3.96 7.63 7.56
C LYS A 28 3.04 7.12 8.74
N LYS A 29 3.62 6.85 9.92
CA LYS A 29 2.84 6.41 11.14
C LYS A 29 1.97 7.58 11.76
N CYS A 30 0.74 7.24 12.23
CA CYS A 30 -0.06 8.06 13.20
C CYS A 30 -0.32 7.34 14.61
N CYS A 31 -1.22 6.41 14.93
CA CYS A 31 -1.95 5.59 13.96
C CYS A 31 -1.16 4.34 13.43
N TYR A 32 -1.88 3.38 12.81
CA TYR A 32 -1.34 2.06 12.39
C TYR A 32 -0.42 2.06 11.15
N HIS A 33 0.86 1.66 11.31
CA HIS A 33 1.41 0.57 10.46
C HIS A 33 2.61 -0.08 11.23
N CYS A 34 2.44 -1.33 11.67
CA CYS A 34 3.46 -2.25 12.26
C CYS A 34 4.59 -2.69 11.26
N GLN A 35 5.83 -2.23 11.55
CA GLN A 35 7.08 -2.79 11.00
C GLN A 35 7.40 -2.50 9.50
N MET A 36 7.00 -3.35 8.55
CA MET A 36 7.48 -3.32 7.15
C MET A 36 7.25 -1.99 6.37
N CYS A 37 8.26 -1.16 6.08
CA CYS A 37 8.09 0.22 5.57
C CYS A 37 7.64 0.29 4.04
N PHE A 38 8.58 0.31 3.08
CA PHE A 38 8.28 -0.04 1.65
C PHE A 38 9.52 -0.81 0.97
N ILE A 39 9.50 -2.13 0.94
CA ILE A 39 10.57 -3.00 0.36
C ILE A 39 10.09 -3.26 -1.11
N THR A 40 10.77 -2.65 -2.09
CA THR A 40 10.25 -2.58 -3.49
C THR A 40 10.37 -3.90 -4.34
N LYS A 41 9.37 -4.75 -4.20
CA LYS A 41 9.22 -5.99 -5.03
C LYS A 41 7.99 -5.94 -5.95
N GLY A 42 8.19 -5.36 -7.15
CA GLY A 42 7.09 -5.17 -8.12
C GLY A 42 7.17 -3.81 -8.86
N LEU A 43 8.10 -3.65 -9.82
CA LEU A 43 8.44 -2.34 -10.37
C LEU A 43 7.42 -1.75 -11.46
N GLY A 44 6.14 -1.60 -11.07
CA GLY A 44 5.02 -1.14 -11.97
C GLY A 44 5.03 0.38 -12.29
N ILE A 45 4.49 1.27 -11.43
CA ILE A 45 4.93 2.70 -11.26
C ILE A 45 5.25 3.04 -9.77
N SER A 46 4.30 2.98 -8.82
CA SER A 46 4.47 3.50 -7.40
C SER A 46 5.72 2.94 -6.60
N TYR A 47 5.79 1.61 -6.52
CA TYR A 47 7.16 0.97 -6.53
C TYR A 47 7.98 1.12 -7.87
N GLY A 48 9.16 1.78 -7.79
CA GLY A 48 9.94 2.23 -8.99
C GLY A 48 11.29 2.95 -8.77
N ARG A 49 12.31 2.44 -9.49
CA ARG A 49 13.67 3.01 -9.48
C ARG A 49 13.74 4.36 -10.26
N LYS A 50 13.67 4.40 -11.60
CA LYS A 50 13.32 5.63 -12.37
C LYS A 50 11.82 5.64 -12.86
N LYS A 51 10.85 5.56 -11.93
CA LYS A 51 9.38 5.76 -12.16
C LYS A 51 8.78 6.57 -10.94
N ARG A 52 7.93 5.98 -10.08
CA ARG A 52 7.49 6.51 -8.77
C ARG A 52 6.52 7.75 -8.73
N ARG A 53 5.20 7.49 -8.79
CA ARG A 53 4.07 8.45 -8.51
C ARG A 53 3.05 7.86 -7.45
N GLN A 54 1.83 8.45 -7.31
CA GLN A 54 1.02 8.38 -6.05
C GLN A 54 -0.45 9.01 -6.27
N ARG A 55 -1.45 8.09 -6.32
CA ARG A 55 -2.90 8.41 -6.63
C ARG A 55 -3.91 7.85 -5.55
N ARG A 56 -4.87 8.69 -5.10
CA ARG A 56 -5.70 8.43 -3.91
C ARG A 56 -7.26 8.55 -4.17
N ARG A 57 -7.97 7.43 -4.06
CA ARG A 57 -9.40 7.24 -4.50
C ARG A 57 -10.41 6.81 -3.35
N PRO A 58 -10.39 5.65 -2.63
CA PRO A 58 -11.36 5.36 -1.50
C PRO A 58 -11.20 6.18 -0.15
N PRO A 59 -12.05 6.01 0.93
CA PRO A 59 -11.75 6.60 2.30
C PRO A 59 -10.34 6.62 3.04
N GLN A 60 -9.61 5.60 3.55
CA GLN A 60 -9.89 4.12 3.43
C GLN A 60 -9.15 3.36 4.58
N GLY A 61 -9.75 2.22 4.99
CA GLY A 61 -9.09 1.19 5.83
C GLY A 61 -8.00 0.40 5.11
N ASN A 62 -8.44 -0.50 4.20
CA ASN A 62 -7.48 -1.43 3.52
C ASN A 62 -6.37 -0.69 2.67
N GLN A 63 -6.70 0.25 1.72
CA GLN A 63 -5.70 1.24 1.12
C GLN A 63 -4.91 2.20 2.06
N ALA A 64 -5.17 2.28 3.36
CA ALA A 64 -4.21 2.72 4.41
C ALA A 64 -3.38 1.58 5.16
N HIS A 65 -3.95 0.39 5.42
CA HIS A 65 -3.26 -0.77 6.09
C HIS A 65 -2.37 -1.68 5.12
N GLN A 66 -3.07 -2.34 4.21
CA GLN A 66 -2.65 -3.43 3.24
C GLN A 66 -1.44 -3.24 2.27
N ASP A 67 -0.61 -4.28 2.02
CA ASP A 67 0.23 -4.38 0.78
C ASP A 67 -0.45 -5.22 -0.35
N PRO A 68 -0.91 -6.51 -0.22
CA PRO A 68 -1.38 -7.25 -1.44
C PRO A 68 -2.95 -7.20 -1.64
N LEU A 69 -3.64 -8.35 -1.73
CA LEU A 69 -5.11 -8.40 -1.86
C LEU A 69 -5.76 -9.55 -1.01
N PRO A 70 -5.47 -10.91 -1.08
CA PRO A 70 -6.25 -11.95 -0.36
C PRO A 70 -5.87 -12.12 1.13
N GLU A 71 -6.82 -12.69 1.90
CA GLU A 71 -6.59 -13.11 3.30
C GLU A 71 -5.58 -14.33 3.51
N GLN A 72 -4.27 -14.19 3.17
CA GLN A 72 -3.33 -15.36 3.13
C GLN A 72 -1.88 -14.95 3.68
N PRO A 73 -1.56 -14.99 4.99
CA PRO A 73 -0.28 -14.42 5.53
C PRO A 73 1.05 -15.24 5.17
N SER A 74 1.85 -14.74 4.22
CA SER A 74 3.26 -15.23 3.90
C SER A 74 4.06 -14.07 3.12
N SER A 75 4.54 -14.30 1.90
CA SER A 75 5.18 -13.29 1.03
C SER A 75 4.90 -13.48 -0.49
N GLN A 76 5.11 -12.41 -1.29
CA GLN A 76 4.80 -12.36 -2.74
C GLN A 76 3.29 -12.51 -3.11
N HIS A 77 2.57 -11.42 -2.94
CA HIS A 77 1.07 -11.33 -2.98
C HIS A 77 0.25 -12.19 -1.93
N ARG A 78 0.69 -12.21 -0.68
CA ARG A 78 0.21 -13.07 0.41
C ARG A 78 0.09 -12.10 1.67
N GLY A 79 1.22 -11.67 2.33
CA GLY A 79 1.16 -10.76 3.52
C GLY A 79 2.20 -9.64 3.55
N ASP A 80 2.27 -8.82 2.46
CA ASP A 80 3.52 -8.14 1.99
C ASP A 80 4.40 -7.19 2.88
N HIS A 81 3.79 -6.61 3.91
CA HIS A 81 4.41 -5.62 4.84
C HIS A 81 3.77 -5.37 6.28
N PRO A 82 2.46 -5.56 6.67
CA PRO A 82 1.98 -5.34 8.09
C PRO A 82 1.89 -6.66 8.90
N THR A 83 1.15 -6.60 10.04
CA THR A 83 0.28 -7.73 10.44
C THR A 83 -1.15 -7.42 9.82
N GLY A 84 -1.34 -7.86 8.60
CA GLY A 84 -2.43 -7.36 7.72
C GLY A 84 -2.28 -7.88 6.28
N PRO A 85 -2.75 -9.04 5.84
CA PRO A 85 -2.88 -9.40 4.38
C PRO A 85 -3.91 -8.62 3.50
N LYS A 86 -5.13 -8.50 4.00
CA LYS A 86 -6.29 -7.88 3.32
C LYS A 86 -6.93 -6.98 4.38
N GLU A 87 -6.50 -5.71 4.48
CA GLU A 87 -6.57 -4.90 5.71
C GLU A 87 -5.18 -5.18 6.42
N MET A 1 0.98 1.16 -12.55
CA MET A 1 0.18 1.30 -11.29
C MET A 1 -0.67 2.62 -11.23
N ASP A 2 -0.06 3.81 -11.52
CA ASP A 2 -0.84 5.08 -11.59
C ASP A 2 -2.04 5.20 -12.65
N PRO A 3 -2.12 4.62 -13.92
CA PRO A 3 -3.23 4.89 -14.86
C PRO A 3 -4.63 4.28 -14.53
N VAL A 4 -4.82 3.41 -13.54
CA VAL A 4 -6.15 2.82 -13.18
C VAL A 4 -7.11 3.88 -12.44
N ASP A 5 -7.36 3.81 -11.12
CA ASP A 5 -8.05 4.90 -10.37
C ASP A 5 -7.44 5.29 -8.93
N PRO A 6 -7.05 4.50 -7.88
CA PRO A 6 -7.29 3.02 -7.80
C PRO A 6 -8.25 2.57 -6.61
N ASN A 7 -9.08 1.55 -6.84
CA ASN A 7 -10.01 0.96 -5.83
C ASN A 7 -9.32 0.08 -4.78
N LEU A 8 -9.09 -1.22 -5.00
CA LEU A 8 -8.02 -2.02 -4.34
C LEU A 8 -7.23 -2.78 -5.46
N GLU A 9 -5.98 -2.38 -5.74
CA GLU A 9 -5.21 -2.92 -6.88
C GLU A 9 -4.24 -4.13 -6.61
N PRO A 10 -3.93 -5.05 -7.58
CA PRO A 10 -2.87 -6.08 -7.41
C PRO A 10 -1.53 -5.72 -6.61
N TRP A 11 -0.91 -4.57 -6.87
CA TRP A 11 -0.16 -3.80 -5.85
C TRP A 11 -0.42 -2.30 -6.20
N ASN A 12 -1.01 -1.54 -5.28
CA ASN A 12 -0.86 -0.04 -5.24
C ASN A 12 -1.22 0.55 -3.84
N HIS A 13 -0.21 0.79 -2.94
CA HIS A 13 -0.43 1.40 -1.58
C HIS A 13 0.14 2.85 -1.54
N PRO A 14 -0.69 3.94 -1.44
CA PRO A 14 -0.19 5.34 -1.29
C PRO A 14 0.60 5.68 0.02
N GLY A 15 0.04 5.37 1.21
CA GLY A 15 0.68 5.80 2.52
C GLY A 15 0.31 4.98 3.77
N SER A 16 -0.38 5.59 4.77
CA SER A 16 -1.16 4.87 5.85
C SER A 16 -2.17 5.89 6.56
N GLN A 17 -1.93 6.19 7.84
CA GLN A 17 -2.97 6.70 8.79
C GLN A 17 -2.81 8.23 9.15
N PRO A 18 -3.83 8.95 9.69
CA PRO A 18 -5.11 8.39 10.17
C PRO A 18 -6.18 8.20 9.03
N ARG A 19 -6.54 6.93 8.75
CA ARG A 19 -7.51 6.54 7.65
C ARG A 19 -7.59 7.46 6.38
N THR A 20 -6.44 7.75 5.72
CA THR A 20 -6.32 8.99 4.87
C THR A 20 -6.61 8.74 3.34
N PRO A 21 -5.97 7.82 2.56
CA PRO A 21 -4.66 7.18 2.91
C PRO A 21 -3.28 7.84 2.53
N CYS A 22 -3.23 8.71 1.53
CA CYS A 22 -1.96 9.29 1.01
C CYS A 22 -1.01 9.97 2.05
N ASN A 23 -1.54 10.94 2.87
CA ASN A 23 -0.66 11.87 3.66
C ASN A 23 0.15 12.90 2.76
N LYS A 24 0.85 13.88 3.32
CA LYS A 24 2.00 14.56 2.60
C LYS A 24 3.29 13.67 2.47
N CYS A 25 3.26 12.32 2.66
CA CYS A 25 4.45 11.42 2.61
C CYS A 25 4.04 9.92 2.51
N TYR A 26 4.88 9.11 1.77
CA TYR A 26 4.78 7.59 1.70
C TYR A 26 4.88 6.83 3.11
N CYS A 27 4.09 5.79 3.35
CA CYS A 27 4.10 5.00 4.59
C CYS A 27 3.67 5.72 5.90
N LYS A 28 4.45 6.66 6.51
CA LYS A 28 3.95 7.63 7.57
C LYS A 28 3.06 7.09 8.77
N LYS A 29 3.65 6.83 9.94
CA LYS A 29 2.91 6.38 11.15
C LYS A 29 2.01 7.53 11.84
N CYS A 30 0.81 7.19 12.31
CA CYS A 30 0.06 8.10 13.20
C CYS A 30 -0.18 7.43 14.62
N CYS A 31 -1.07 6.45 14.90
CA CYS A 31 -1.90 5.65 13.92
C CYS A 31 -1.15 4.35 13.38
N TYR A 32 -1.86 3.40 12.75
CA TYR A 32 -1.34 2.06 12.39
C TYR A 32 -0.39 2.04 11.13
N HIS A 33 0.87 1.58 11.37
CA HIS A 33 1.40 0.54 10.48
C HIS A 33 2.55 -0.18 11.26
N CYS A 34 2.34 -1.45 11.64
CA CYS A 34 3.41 -2.33 12.23
C CYS A 34 4.61 -2.65 11.24
N GLN A 35 5.84 -2.21 11.57
CA GLN A 35 7.15 -2.75 11.06
C GLN A 35 7.44 -2.49 9.50
N MET A 36 7.05 -3.35 8.54
CA MET A 36 7.57 -3.41 7.12
C MET A 36 7.22 -2.12 6.31
N CYS A 37 8.20 -1.27 6.08
CA CYS A 37 7.99 0.09 5.51
C CYS A 37 7.67 0.18 3.98
N PHE A 38 8.62 0.19 3.02
CA PHE A 38 8.31 -0.14 1.61
C PHE A 38 9.54 -0.80 0.99
N ILE A 39 9.60 -2.15 1.03
CA ILE A 39 10.62 -2.99 0.31
C ILE A 39 10.20 -3.32 -1.15
N THR A 40 10.88 -2.77 -2.22
CA THR A 40 10.27 -2.57 -3.58
C THR A 40 10.38 -3.86 -4.43
N LYS A 41 9.37 -4.78 -4.30
CA LYS A 41 9.29 -6.08 -5.05
C LYS A 41 8.02 -5.95 -6.02
N GLY A 42 8.22 -5.38 -7.21
CA GLY A 42 7.20 -5.19 -8.25
C GLY A 42 7.23 -3.80 -8.86
N LEU A 43 8.15 -3.67 -9.84
CA LEU A 43 8.46 -2.32 -10.41
C LEU A 43 7.46 -1.79 -11.48
N GLY A 44 6.17 -1.52 -11.08
CA GLY A 44 5.12 -1.05 -12.05
C GLY A 44 5.11 0.47 -12.29
N ILE A 45 4.56 1.25 -11.39
CA ILE A 45 4.90 2.71 -11.27
C ILE A 45 5.28 3.03 -9.77
N SER A 46 4.30 3.03 -8.86
CA SER A 46 4.44 3.47 -7.43
C SER A 46 5.70 2.86 -6.66
N TYR A 47 5.86 1.51 -6.57
CA TYR A 47 7.19 0.91 -6.45
C TYR A 47 7.98 1.16 -7.78
N GLY A 48 9.10 1.90 -7.72
CA GLY A 48 9.91 2.22 -8.98
C GLY A 48 11.30 2.83 -8.76
N ARG A 49 12.37 2.27 -9.34
CA ARG A 49 13.69 2.96 -9.44
C ARG A 49 13.73 4.32 -10.24
N LYS A 50 13.59 4.36 -11.60
CA LYS A 50 13.27 5.65 -12.34
C LYS A 50 11.74 5.60 -12.79
N LYS A 51 10.81 5.57 -11.85
CA LYS A 51 9.35 5.67 -12.13
C LYS A 51 8.75 6.45 -10.91
N ARG A 52 7.91 5.91 -10.01
CA ARG A 52 7.49 6.54 -8.70
C ARG A 52 6.43 7.70 -8.74
N ARG A 53 5.09 7.47 -8.84
CA ARG A 53 4.02 8.48 -8.45
C ARG A 53 3.02 7.92 -7.36
N GLN A 54 1.82 8.53 -7.18
CA GLN A 54 1.00 8.34 -5.94
C GLN A 54 -0.45 8.92 -6.22
N ARG A 55 -1.47 8.06 -6.26
CA ARG A 55 -2.88 8.46 -6.62
C ARG A 55 -3.95 7.96 -5.54
N ARG A 56 -4.83 8.86 -5.07
CA ARG A 56 -5.71 8.55 -3.89
C ARG A 56 -7.25 8.56 -4.17
N ARG A 57 -8.00 7.43 -3.94
CA ARG A 57 -9.40 7.27 -4.43
C ARG A 57 -10.49 6.83 -3.36
N PRO A 58 -10.39 5.70 -2.60
CA PRO A 58 -11.35 5.36 -1.46
C PRO A 58 -11.07 6.12 -0.07
N PRO A 59 -11.87 5.91 1.01
CA PRO A 59 -11.73 6.61 2.32
C PRO A 59 -10.38 6.57 3.05
N GLN A 60 -9.60 5.58 3.51
CA GLN A 60 -9.84 4.13 3.43
C GLN A 60 -9.21 3.32 4.63
N GLY A 61 -9.82 2.23 5.16
CA GLY A 61 -9.00 1.17 5.85
C GLY A 61 -7.94 0.39 5.00
N ASN A 62 -8.33 -0.60 4.14
CA ASN A 62 -7.36 -1.44 3.36
C ASN A 62 -6.24 -0.61 2.56
N GLN A 63 -6.61 0.32 1.67
CA GLN A 63 -5.62 1.26 1.09
C GLN A 63 -4.86 2.23 2.08
N ALA A 64 -5.14 2.25 3.37
CA ALA A 64 -4.19 2.71 4.45
C ALA A 64 -3.35 1.58 5.19
N HIS A 65 -3.93 0.40 5.50
CA HIS A 65 -3.23 -0.79 6.13
C HIS A 65 -2.35 -1.69 5.13
N GLN A 66 -3.07 -2.35 4.22
CA GLN A 66 -2.64 -3.43 3.27
C GLN A 66 -1.38 -3.24 2.35
N ASP A 67 -0.51 -4.29 2.16
CA ASP A 67 0.28 -4.37 0.88
C ASP A 67 -0.44 -5.18 -0.32
N PRO A 68 -0.93 -6.47 -0.21
CA PRO A 68 -1.36 -7.27 -1.40
C PRO A 68 -2.89 -7.19 -1.66
N LEU A 69 -3.60 -8.34 -1.75
CA LEU A 69 -5.11 -8.38 -1.86
C LEU A 69 -5.78 -9.55 -1.02
N PRO A 70 -5.48 -10.87 -1.09
CA PRO A 70 -6.28 -11.93 -0.35
C PRO A 70 -5.86 -12.12 1.18
N GLU A 71 -6.75 -12.76 1.98
CA GLU A 71 -6.57 -13.11 3.41
C GLU A 71 -5.60 -14.35 3.59
N GLN A 72 -4.31 -14.19 3.21
CA GLN A 72 -3.35 -15.34 3.19
C GLN A 72 -1.88 -15.04 3.69
N PRO A 73 -1.52 -15.07 4.99
CA PRO A 73 -0.24 -14.46 5.46
C PRO A 73 1.07 -15.26 5.11
N SER A 74 1.88 -14.72 4.15
CA SER A 74 3.32 -15.18 3.90
C SER A 74 4.16 -14.07 3.17
N SER A 75 4.65 -14.33 1.93
CA SER A 75 5.26 -13.28 1.05
C SER A 75 4.90 -13.44 -0.50
N GLN A 76 5.05 -12.35 -1.28
CA GLN A 76 4.77 -12.34 -2.75
C GLN A 76 3.23 -12.54 -3.16
N HIS A 77 2.43 -11.46 -2.99
CA HIS A 77 0.95 -11.47 -3.05
C HIS A 77 0.21 -12.32 -1.92
N ARG A 78 0.75 -12.32 -0.70
CA ARG A 78 0.23 -13.07 0.47
C ARG A 78 0.06 -12.07 1.71
N GLY A 79 1.20 -11.76 2.44
CA GLY A 79 1.14 -10.74 3.55
C GLY A 79 2.23 -9.64 3.56
N ASP A 80 2.28 -8.87 2.45
CA ASP A 80 3.49 -8.18 1.97
C ASP A 80 4.28 -7.19 2.88
N HIS A 81 3.70 -6.59 3.90
CA HIS A 81 4.41 -5.63 4.84
C HIS A 81 3.79 -5.41 6.25
N PRO A 82 2.46 -5.53 6.60
CA PRO A 82 1.96 -5.40 8.00
C PRO A 82 1.93 -6.72 8.89
N THR A 83 1.26 -6.63 10.06
CA THR A 83 0.34 -7.71 10.48
C THR A 83 -1.08 -7.45 9.85
N GLY A 84 -1.28 -7.87 8.59
CA GLY A 84 -2.48 -7.47 7.75
C GLY A 84 -2.33 -7.90 6.28
N PRO A 85 -2.86 -9.03 5.83
CA PRO A 85 -2.85 -9.43 4.39
C PRO A 85 -3.89 -8.74 3.42
N LYS A 86 -5.12 -8.66 3.93
CA LYS A 86 -6.30 -7.98 3.33
C LYS A 86 -6.98 -7.04 4.41
N GLU A 87 -6.58 -5.74 4.51
CA GLU A 87 -6.50 -4.92 5.75
C GLU A 87 -5.12 -5.15 6.51
N MET A 1 0.94 1.13 -12.57
CA MET A 1 0.16 1.22 -11.31
C MET A 1 -0.71 2.52 -11.21
N ASP A 2 -0.11 3.69 -11.53
CA ASP A 2 -0.82 5.02 -11.59
C ASP A 2 -1.99 5.20 -12.66
N PRO A 3 -2.13 4.56 -13.89
CA PRO A 3 -3.28 4.85 -14.81
C PRO A 3 -4.71 4.31 -14.52
N VAL A 4 -4.94 3.47 -13.49
CA VAL A 4 -6.28 2.89 -13.23
C VAL A 4 -7.15 4.01 -12.46
N ASP A 5 -7.32 3.97 -11.12
CA ASP A 5 -8.11 4.98 -10.37
C ASP A 5 -7.56 5.40 -8.97
N PRO A 6 -7.13 4.60 -7.96
CA PRO A 6 -7.34 3.12 -7.88
C PRO A 6 -8.27 2.66 -6.72
N ASN A 7 -9.18 1.70 -6.96
CA ASN A 7 -10.10 1.16 -5.90
C ASN A 7 -9.33 0.26 -4.86
N LEU A 8 -9.01 -1.02 -5.15
CA LEU A 8 -8.03 -1.82 -4.37
C LEU A 8 -7.30 -2.74 -5.37
N GLU A 9 -6.03 -2.45 -5.68
CA GLU A 9 -5.33 -2.96 -6.91
C GLU A 9 -4.30 -4.13 -6.65
N PRO A 10 -3.94 -5.05 -7.61
CA PRO A 10 -2.92 -6.12 -7.39
C PRO A 10 -1.56 -5.80 -6.67
N TRP A 11 -1.00 -4.61 -6.91
CA TRP A 11 -0.25 -3.86 -5.88
C TRP A 11 -0.41 -2.28 -6.11
N ASN A 12 -1.01 -1.53 -5.17
CA ASN A 12 -0.88 -0.06 -5.12
C ASN A 12 -1.22 0.50 -3.71
N HIS A 13 -0.20 0.79 -2.87
CA HIS A 13 -0.43 1.43 -1.57
C HIS A 13 0.19 2.92 -1.50
N PRO A 14 -0.61 4.04 -1.54
CA PRO A 14 -0.10 5.41 -1.29
C PRO A 14 0.62 5.75 0.04
N GLY A 15 0.09 5.40 1.21
CA GLY A 15 0.61 5.96 2.47
C GLY A 15 0.38 5.07 3.77
N SER A 16 -0.26 5.66 4.80
CA SER A 16 -1.06 4.95 5.81
C SER A 16 -2.06 5.89 6.52
N GLN A 17 -1.73 6.30 7.75
CA GLN A 17 -2.78 6.65 8.74
C GLN A 17 -2.68 8.20 9.17
N PRO A 18 -3.78 8.95 9.61
CA PRO A 18 -5.06 8.35 10.10
C PRO A 18 -6.22 8.12 9.08
N ARG A 19 -6.42 6.87 8.68
CA ARG A 19 -7.43 6.49 7.61
C ARG A 19 -7.55 7.36 6.30
N THR A 20 -6.46 7.76 5.69
CA THR A 20 -6.37 8.99 4.83
C THR A 20 -6.62 8.74 3.30
N PRO A 21 -6.01 7.78 2.51
CA PRO A 21 -4.78 7.03 2.90
C PRO A 21 -3.42 7.79 2.75
N CYS A 22 -3.30 8.69 1.75
CA CYS A 22 -2.01 9.17 1.17
C CYS A 22 -1.02 9.98 2.01
N ASN A 23 -1.48 10.86 2.92
CA ASN A 23 -0.63 11.81 3.73
C ASN A 23 0.12 12.87 2.77
N LYS A 24 0.91 13.80 3.38
CA LYS A 24 2.05 14.45 2.62
C LYS A 24 3.43 13.64 2.56
N CYS A 25 3.42 12.30 2.72
CA CYS A 25 4.64 11.40 2.75
C CYS A 25 4.18 9.90 2.50
N TYR A 26 5.08 9.04 1.94
CA TYR A 26 4.81 7.58 1.75
C TYR A 26 4.98 6.76 3.10
N CYS A 27 4.14 5.73 3.35
CA CYS A 27 4.14 4.91 4.58
C CYS A 27 3.59 5.63 5.86
N LYS A 28 4.37 6.58 6.41
CA LYS A 28 4.00 7.53 7.48
C LYS A 28 3.14 6.98 8.70
N LYS A 29 3.75 6.61 9.85
CA LYS A 29 3.04 6.25 11.10
C LYS A 29 2.24 7.44 11.77
N CYS A 30 1.08 7.11 12.37
CA CYS A 30 0.33 8.06 13.27
C CYS A 30 -0.01 7.43 14.68
N CYS A 31 -0.81 6.39 14.96
CA CYS A 31 -1.67 5.67 13.98
C CYS A 31 -1.01 4.34 13.41
N TYR A 32 -1.78 3.41 12.78
CA TYR A 32 -1.32 2.05 12.39
C TYR A 32 -0.37 1.96 11.17
N HIS A 33 0.86 1.48 11.39
CA HIS A 33 1.44 0.51 10.44
C HIS A 33 2.54 -0.33 11.28
N CYS A 34 2.31 -1.68 11.46
CA CYS A 34 3.37 -2.56 12.01
C CYS A 34 4.58 -2.73 11.05
N GLN A 35 5.76 -2.33 11.51
CA GLN A 35 7.04 -2.89 11.00
C GLN A 35 7.48 -2.57 9.54
N MET A 36 7.09 -3.47 8.63
CA MET A 36 7.55 -3.50 7.22
C MET A 36 7.25 -2.18 6.33
N CYS A 37 8.21 -1.22 6.16
CA CYS A 37 7.95 0.12 5.57
C CYS A 37 7.65 0.21 4.03
N PHE A 38 8.63 -0.01 3.13
CA PHE A 38 8.37 -0.20 1.65
C PHE A 38 9.59 -0.89 0.98
N ILE A 39 9.70 -2.21 1.11
CA ILE A 39 10.73 -3.01 0.30
C ILE A 39 10.24 -3.31 -1.17
N THR A 40 10.92 -2.85 -2.23
CA THR A 40 10.31 -2.64 -3.60
C THR A 40 10.35 -3.89 -4.50
N LYS A 41 9.47 -4.88 -4.29
CA LYS A 41 9.40 -6.17 -5.10
C LYS A 41 8.18 -6.11 -6.10
N GLY A 42 8.45 -5.58 -7.33
CA GLY A 42 7.41 -5.32 -8.35
C GLY A 42 7.48 -3.87 -8.96
N LEU A 43 8.21 -3.65 -10.09
CA LEU A 43 8.47 -2.26 -10.57
C LEU A 43 7.37 -1.71 -11.58
N GLY A 44 6.11 -1.48 -11.16
CA GLY A 44 5.02 -0.97 -12.05
C GLY A 44 5.01 0.53 -12.31
N ILE A 45 4.56 1.35 -11.37
CA ILE A 45 4.86 2.81 -11.35
C ILE A 45 5.25 3.14 -9.86
N SER A 46 4.30 3.08 -8.95
CA SER A 46 4.46 3.43 -7.52
C SER A 46 5.66 2.77 -6.71
N TYR A 47 5.88 1.47 -6.76
CA TYR A 47 7.22 0.79 -6.48
C TYR A 47 8.14 0.98 -7.77
N GLY A 48 9.30 1.67 -7.71
CA GLY A 48 9.99 2.23 -8.92
C GLY A 48 11.34 2.99 -8.75
N ARG A 49 12.42 2.46 -9.36
CA ARG A 49 13.78 3.10 -9.38
C ARG A 49 13.83 4.43 -10.20
N LYS A 50 13.65 4.41 -11.53
CA LYS A 50 13.22 5.59 -12.30
C LYS A 50 11.68 5.50 -12.67
N LYS A 51 10.83 5.50 -11.67
CA LYS A 51 9.36 5.56 -11.87
C LYS A 51 8.68 6.45 -10.73
N ARG A 52 7.85 5.88 -9.88
CA ARG A 52 7.39 6.44 -8.56
C ARG A 52 6.41 7.68 -8.63
N ARG A 53 5.09 7.39 -8.64
CA ARG A 53 4.03 8.40 -8.32
C ARG A 53 3.03 7.81 -7.27
N GLN A 54 1.80 8.33 -7.13
CA GLN A 54 1.05 8.35 -5.85
C GLN A 54 -0.41 8.95 -6.10
N ARG A 55 -1.44 8.03 -6.19
CA ARG A 55 -2.83 8.37 -6.58
C ARG A 55 -3.94 7.95 -5.56
N ARG A 56 -4.81 8.92 -5.14
CA ARG A 56 -5.75 8.76 -3.98
C ARG A 56 -7.27 8.79 -4.39
N ARG A 57 -7.95 7.68 -4.03
CA ARG A 57 -9.39 7.48 -4.38
C ARG A 57 -10.28 7.03 -3.15
N PRO A 58 -10.33 5.80 -2.60
CA PRO A 58 -11.30 5.42 -1.54
C PRO A 58 -11.05 5.97 -0.05
N PRO A 59 -11.78 5.65 1.08
CA PRO A 59 -11.66 6.39 2.38
C PRO A 59 -10.26 6.41 3.13
N GLN A 60 -9.45 5.42 3.56
CA GLN A 60 -9.75 3.96 3.40
C GLN A 60 -9.25 3.17 4.63
N GLY A 61 -9.90 2.04 5.02
CA GLY A 61 -9.19 0.95 5.72
C GLY A 61 -8.01 0.29 4.96
N ASN A 62 -8.32 -0.60 4.02
CA ASN A 62 -7.30 -1.47 3.35
C ASN A 62 -6.19 -0.69 2.51
N GLN A 63 -6.56 0.35 1.73
CA GLN A 63 -5.56 1.30 1.14
C GLN A 63 -4.79 2.28 2.14
N ALA A 64 -5.08 2.32 3.49
CA ALA A 64 -4.14 2.76 4.55
C ALA A 64 -3.35 1.61 5.24
N HIS A 65 -3.93 0.42 5.46
CA HIS A 65 -3.24 -0.78 6.09
C HIS A 65 -2.31 -1.71 5.19
N GLN A 66 -2.91 -2.24 4.11
CA GLN A 66 -2.44 -3.40 3.30
C GLN A 66 -1.19 -3.19 2.39
N ASP A 67 -0.48 -4.31 2.08
CA ASP A 67 0.21 -4.45 0.80
C ASP A 67 -0.61 -5.15 -0.37
N PRO A 68 -1.06 -6.44 -0.28
CA PRO A 68 -1.36 -7.26 -1.47
C PRO A 68 -2.90 -7.14 -1.84
N LEU A 69 -3.64 -8.27 -1.73
CA LEU A 69 -5.11 -8.31 -1.88
C LEU A 69 -5.86 -9.47 -1.09
N PRO A 70 -5.55 -10.80 -1.12
CA PRO A 70 -6.31 -11.86 -0.36
C PRO A 70 -5.83 -12.12 1.10
N GLU A 71 -6.67 -12.84 1.87
CA GLU A 71 -6.51 -13.15 3.33
C GLU A 71 -5.64 -14.42 3.52
N GLN A 72 -4.34 -14.30 3.29
CA GLN A 72 -3.36 -15.44 3.26
C GLN A 72 -1.92 -14.93 3.72
N PRO A 73 -1.47 -14.94 5.03
CA PRO A 73 -0.16 -14.29 5.46
C PRO A 73 1.16 -15.13 5.11
N SER A 74 2.00 -14.62 4.16
CA SER A 74 3.35 -15.13 3.82
C SER A 74 4.21 -14.04 3.06
N SER A 75 4.75 -14.34 1.83
CA SER A 75 5.27 -13.31 0.90
C SER A 75 4.88 -13.50 -0.58
N GLN A 76 5.01 -12.41 -1.36
CA GLN A 76 4.68 -12.38 -2.83
C GLN A 76 3.15 -12.47 -3.22
N HIS A 77 2.39 -11.39 -3.01
CA HIS A 77 0.87 -11.36 -3.04
C HIS A 77 0.21 -12.31 -1.94
N ARG A 78 0.59 -12.10 -0.66
CA ARG A 78 0.18 -12.98 0.45
C ARG A 78 -0.01 -12.06 1.70
N GLY A 79 1.08 -11.83 2.46
CA GLY A 79 1.14 -10.84 3.58
C GLY A 79 2.27 -9.81 3.42
N ASP A 80 2.25 -9.06 2.34
CA ASP A 80 3.46 -8.30 1.86
C ASP A 80 4.23 -7.34 2.86
N HIS A 81 3.54 -6.74 3.86
CA HIS A 81 4.19 -5.73 4.79
C HIS A 81 3.68 -5.43 6.24
N PRO A 82 2.36 -5.35 6.64
CA PRO A 82 1.96 -5.30 8.10
C PRO A 82 1.87 -6.69 8.85
N THR A 83 1.26 -6.74 10.07
CA THR A 83 0.42 -7.90 10.44
C THR A 83 -1.01 -7.66 9.83
N GLY A 84 -1.19 -8.10 8.59
CA GLY A 84 -2.36 -7.60 7.82
C GLY A 84 -2.33 -8.00 6.30
N PRO A 85 -2.94 -9.15 5.91
CA PRO A 85 -2.97 -9.59 4.49
C PRO A 85 -4.14 -8.94 3.59
N LYS A 86 -5.32 -8.69 4.17
CA LYS A 86 -6.44 -7.95 3.55
C LYS A 86 -7.07 -6.95 4.60
N GLU A 87 -6.51 -5.73 4.58
CA GLU A 87 -6.34 -4.83 5.77
C GLU A 87 -5.02 -5.24 6.56
N MET A 1 0.92 0.99 -12.73
CA MET A 1 0.12 1.12 -11.47
C MET A 1 -0.72 2.42 -11.27
N ASP A 2 -0.06 3.54 -11.55
CA ASP A 2 -0.78 4.88 -11.57
C ASP A 2 -1.98 5.10 -12.57
N PRO A 3 -2.09 4.55 -13.82
CA PRO A 3 -3.23 4.88 -14.76
C PRO A 3 -4.71 4.39 -14.45
N VAL A 4 -4.96 3.56 -13.45
CA VAL A 4 -6.33 3.07 -13.14
C VAL A 4 -7.23 4.12 -12.41
N ASP A 5 -7.42 4.07 -11.10
CA ASP A 5 -8.21 5.09 -10.32
C ASP A 5 -7.72 5.58 -8.90
N PRO A 6 -7.21 4.76 -7.95
CA PRO A 6 -7.43 3.28 -7.88
C PRO A 6 -8.37 2.86 -6.67
N ASN A 7 -9.37 2.03 -6.96
CA ASN A 7 -10.13 1.31 -5.90
C ASN A 7 -9.26 0.41 -4.95
N LEU A 8 -9.04 -0.90 -5.21
CA LEU A 8 -8.07 -1.74 -4.47
C LEU A 8 -7.38 -2.65 -5.56
N GLU A 9 -6.10 -2.39 -5.81
CA GLU A 9 -5.41 -2.94 -7.00
C GLU A 9 -4.42 -4.12 -6.72
N PRO A 10 -4.07 -5.10 -7.60
CA PRO A 10 -3.05 -6.18 -7.32
C PRO A 10 -1.68 -5.92 -6.60
N TRP A 11 -1.03 -4.77 -6.88
CA TRP A 11 -0.22 -4.03 -5.84
C TRP A 11 -0.30 -2.47 -6.16
N ASN A 12 -0.92 -1.72 -5.25
CA ASN A 12 -0.81 -0.22 -5.16
C ASN A 12 -1.21 0.38 -3.74
N HIS A 13 -0.23 0.69 -2.87
CA HIS A 13 -0.42 1.39 -1.60
C HIS A 13 0.22 2.85 -1.54
N PRO A 14 -0.52 4.01 -1.57
CA PRO A 14 0.07 5.35 -1.34
C PRO A 14 0.71 5.76 0.00
N GLY A 15 0.07 5.55 1.17
CA GLY A 15 0.62 6.03 2.43
C GLY A 15 0.30 5.20 3.66
N SER A 16 -0.40 5.77 4.64
CA SER A 16 -1.04 5.03 5.75
C SER A 16 -2.11 5.81 6.55
N GLN A 17 -1.75 6.30 7.74
CA GLN A 17 -2.74 6.73 8.78
C GLN A 17 -2.63 8.23 9.23
N PRO A 18 -3.67 8.91 9.76
CA PRO A 18 -4.99 8.31 10.19
C PRO A 18 -6.02 8.09 9.08
N ARG A 19 -6.37 6.82 8.80
CA ARG A 19 -7.37 6.37 7.73
C ARG A 19 -7.54 7.31 6.47
N THR A 20 -6.40 7.63 5.78
CA THR A 20 -6.31 8.88 4.93
C THR A 20 -6.67 8.64 3.39
N PRO A 21 -6.05 7.70 2.59
CA PRO A 21 -4.80 6.96 2.92
C PRO A 21 -3.43 7.71 2.78
N CYS A 22 -3.33 8.67 1.83
CA CYS A 22 -2.08 9.11 1.17
C CYS A 22 -1.11 10.01 2.01
N ASN A 23 -1.59 10.93 2.91
CA ASN A 23 -0.65 11.80 3.69
C ASN A 23 0.09 12.86 2.84
N LYS A 24 1.07 13.57 3.38
CA LYS A 24 2.13 14.29 2.59
C LYS A 24 3.53 13.60 2.69
N CYS A 25 3.54 12.23 2.63
CA CYS A 25 4.75 11.35 2.82
C CYS A 25 4.34 9.90 2.55
N TYR A 26 5.23 9.11 1.94
CA TYR A 26 5.03 7.65 1.78
C TYR A 26 5.22 6.87 3.16
N CYS A 27 4.36 5.88 3.31
CA CYS A 27 4.23 5.00 4.51
C CYS A 27 3.73 5.71 5.81
N LYS A 28 4.56 6.55 6.49
CA LYS A 28 4.13 7.46 7.58
C LYS A 28 3.27 6.86 8.77
N LYS A 29 3.86 6.37 9.87
CA LYS A 29 3.13 6.06 11.13
C LYS A 29 2.24 7.23 11.74
N CYS A 30 1.06 6.99 12.36
CA CYS A 30 0.41 7.96 13.28
C CYS A 30 0.10 7.29 14.68
N CYS A 31 -0.77 6.35 14.99
CA CYS A 31 -1.64 5.65 14.01
C CYS A 31 -0.95 4.31 13.47
N TYR A 32 -1.71 3.34 12.94
CA TYR A 32 -1.17 2.01 12.50
C TYR A 32 -0.32 2.04 11.20
N HIS A 33 0.92 1.61 11.31
CA HIS A 33 1.52 0.54 10.44
C HIS A 33 2.44 -0.36 11.29
N CYS A 34 2.30 -1.66 11.31
CA CYS A 34 3.31 -2.58 11.92
C CYS A 34 4.54 -2.91 11.01
N GLN A 35 5.74 -2.60 11.49
CA GLN A 35 7.09 -3.06 11.03
C GLN A 35 7.44 -2.79 9.52
N MET A 36 7.18 -3.66 8.52
CA MET A 36 7.70 -3.53 7.12
C MET A 36 7.41 -2.19 6.36
N CYS A 37 8.32 -1.23 6.21
CA CYS A 37 7.99 0.10 5.66
C CYS A 37 7.69 0.11 4.13
N PHE A 38 8.66 -0.08 3.20
CA PHE A 38 8.31 -0.31 1.76
C PHE A 38 9.53 -0.97 1.04
N ILE A 39 9.63 -2.29 1.03
CA ILE A 39 10.67 -3.04 0.27
C ILE A 39 10.18 -3.32 -1.24
N THR A 40 10.91 -2.84 -2.26
CA THR A 40 10.27 -2.65 -3.60
C THR A 40 10.36 -3.92 -4.55
N LYS A 41 9.55 -4.95 -4.28
CA LYS A 41 9.44 -6.22 -5.08
C LYS A 41 8.35 -6.09 -6.21
N GLY A 42 8.74 -5.48 -7.33
CA GLY A 42 7.90 -5.40 -8.57
C GLY A 42 7.68 -4.00 -9.10
N LEU A 43 8.27 -3.66 -10.25
CA LEU A 43 8.45 -2.25 -10.68
C LEU A 43 7.37 -1.69 -11.69
N GLY A 44 6.10 -1.49 -11.24
CA GLY A 44 4.94 -1.13 -12.10
C GLY A 44 4.93 0.42 -12.40
N ILE A 45 4.35 1.27 -11.53
CA ILE A 45 4.80 2.69 -11.37
C ILE A 45 5.07 3.00 -9.86
N SER A 46 4.15 2.97 -8.87
CA SER A 46 4.50 3.33 -7.45
C SER A 46 5.75 2.73 -6.73
N TYR A 47 5.91 1.39 -6.74
CA TYR A 47 7.24 0.75 -6.54
C TYR A 47 8.20 1.05 -7.75
N GLY A 48 9.33 1.78 -7.57
CA GLY A 48 10.05 2.34 -8.73
C GLY A 48 11.41 3.03 -8.45
N ARG A 49 12.52 2.49 -9.04
CA ARG A 49 13.83 3.14 -9.18
C ARG A 49 13.73 4.44 -10.07
N LYS A 50 13.53 4.38 -11.41
CA LYS A 50 13.18 5.58 -12.25
C LYS A 50 11.63 5.48 -12.65
N LYS A 51 10.69 5.39 -11.69
CA LYS A 51 9.22 5.53 -11.91
C LYS A 51 8.61 6.34 -10.69
N ARG A 52 7.79 5.75 -9.79
CA ARG A 52 7.48 6.29 -8.44
C ARG A 52 6.49 7.52 -8.49
N ARG A 53 5.18 7.26 -8.51
CA ARG A 53 4.13 8.30 -8.25
C ARG A 53 3.12 7.83 -7.08
N GLN A 54 1.95 8.43 -6.92
CA GLN A 54 1.05 8.26 -5.74
C GLN A 54 -0.40 8.87 -6.05
N ARG A 55 -1.40 8.01 -6.26
CA ARG A 55 -2.79 8.38 -6.58
C ARG A 55 -3.88 8.01 -5.52
N ARG A 56 -4.66 9.01 -5.05
CA ARG A 56 -5.66 8.82 -3.91
C ARG A 56 -7.14 8.68 -4.41
N ARG A 57 -7.88 7.60 -4.03
CA ARG A 57 -9.32 7.44 -4.44
C ARG A 57 -10.28 6.99 -3.27
N PRO A 58 -10.29 5.75 -2.67
CA PRO A 58 -11.23 5.38 -1.54
C PRO A 58 -11.02 6.07 -0.15
N PRO A 59 -11.82 5.75 0.94
CA PRO A 59 -11.63 6.42 2.28
C PRO A 59 -10.22 6.48 2.95
N GLN A 60 -9.48 5.44 3.39
CA GLN A 60 -9.84 3.99 3.36
C GLN A 60 -9.30 3.16 4.60
N GLY A 61 -9.90 2.02 4.85
CA GLY A 61 -9.31 0.89 5.64
C GLY A 61 -8.12 0.17 4.99
N ASN A 62 -8.39 -0.77 4.08
CA ASN A 62 -7.34 -1.48 3.27
C ASN A 62 -6.21 -0.62 2.53
N GLN A 63 -6.51 0.33 1.64
CA GLN A 63 -5.48 1.34 1.14
C GLN A 63 -4.80 2.32 2.20
N ALA A 64 -5.19 2.32 3.48
CA ALA A 64 -4.28 2.75 4.63
C ALA A 64 -3.39 1.65 5.33
N HIS A 65 -3.95 0.43 5.49
CA HIS A 65 -3.23 -0.76 6.11
C HIS A 65 -2.32 -1.57 5.10
N GLN A 66 -2.84 -2.08 4.02
CA GLN A 66 -2.42 -3.33 3.35
C GLN A 66 -1.18 -3.21 2.41
N ASP A 67 -0.54 -4.33 2.12
CA ASP A 67 0.26 -4.45 0.87
C ASP A 67 -0.57 -5.18 -0.30
N PRO A 68 -1.15 -6.46 -0.29
CA PRO A 68 -1.47 -7.27 -1.52
C PRO A 68 -2.97 -7.21 -1.96
N LEU A 69 -3.79 -8.25 -1.79
CA LEU A 69 -5.28 -8.28 -1.87
C LEU A 69 -5.92 -9.46 -1.04
N PRO A 70 -5.54 -10.83 -1.10
CA PRO A 70 -6.24 -11.95 -0.37
C PRO A 70 -5.74 -12.11 1.14
N GLU A 71 -6.68 -12.58 1.99
CA GLU A 71 -6.44 -13.03 3.38
C GLU A 71 -5.60 -14.41 3.46
N GLN A 72 -4.30 -14.33 3.13
CA GLN A 72 -3.35 -15.48 3.28
C GLN A 72 -1.92 -15.01 3.75
N PRO A 73 -1.52 -14.94 5.05
CA PRO A 73 -0.26 -14.21 5.40
C PRO A 73 1.08 -15.06 5.19
N SER A 74 1.81 -14.78 4.09
CA SER A 74 3.24 -15.15 3.85
C SER A 74 3.90 -14.10 2.90
N SER A 75 4.49 -14.45 1.72
CA SER A 75 5.17 -13.44 0.84
C SER A 75 4.93 -13.62 -0.70
N GLN A 76 5.05 -12.50 -1.44
CA GLN A 76 4.70 -12.44 -2.90
C GLN A 76 3.15 -12.57 -3.23
N HIS A 77 2.41 -11.43 -3.02
CA HIS A 77 0.92 -11.38 -3.07
C HIS A 77 0.13 -12.25 -2.04
N ARG A 78 0.52 -12.11 -0.80
CA ARG A 78 0.07 -12.96 0.33
C ARG A 78 -0.08 -12.09 1.60
N GLY A 79 0.99 -11.82 2.38
CA GLY A 79 1.00 -10.87 3.51
C GLY A 79 2.18 -9.87 3.43
N ASP A 80 2.15 -8.94 2.45
CA ASP A 80 3.38 -8.23 1.95
C ASP A 80 4.24 -7.33 2.91
N HIS A 81 3.56 -6.63 3.86
CA HIS A 81 4.25 -5.63 4.78
C HIS A 81 3.71 -5.35 6.22
N PRO A 82 2.41 -5.38 6.61
CA PRO A 82 1.96 -5.37 8.03
C PRO A 82 1.90 -6.72 8.80
N THR A 83 1.36 -6.71 10.02
CA THR A 83 0.49 -7.85 10.47
C THR A 83 -0.94 -7.65 9.84
N GLY A 84 -1.11 -8.10 8.57
CA GLY A 84 -2.32 -7.68 7.79
C GLY A 84 -2.26 -8.18 6.36
N PRO A 85 -2.86 -9.34 5.96
CA PRO A 85 -3.07 -9.69 4.51
C PRO A 85 -4.26 -9.01 3.73
N LYS A 86 -5.38 -8.62 4.40
CA LYS A 86 -6.50 -7.88 3.78
C LYS A 86 -7.08 -6.80 4.73
N GLU A 87 -6.44 -5.62 4.68
CA GLU A 87 -6.33 -4.71 5.85
C GLU A 87 -4.92 -5.05 6.46
N MET A 1 0.82 0.81 -12.65
CA MET A 1 0.10 1.01 -11.38
C MET A 1 -0.77 2.35 -11.20
N ASP A 2 -0.10 3.53 -11.43
CA ASP A 2 -0.78 4.86 -11.52
C ASP A 2 -1.98 5.07 -12.58
N PRO A 3 -2.15 4.49 -13.80
CA PRO A 3 -3.27 4.84 -14.72
C PRO A 3 -4.72 4.45 -14.38
N VAL A 4 -5.06 3.67 -13.34
CA VAL A 4 -6.46 3.15 -13.13
C VAL A 4 -7.29 4.25 -12.40
N ASP A 5 -7.49 4.18 -11.05
CA ASP A 5 -8.35 5.15 -10.27
C ASP A 5 -7.67 5.65 -8.93
N PRO A 6 -7.21 4.82 -7.97
CA PRO A 6 -7.39 3.34 -7.90
C PRO A 6 -8.36 2.92 -6.72
N ASN A 7 -9.31 2.02 -7.01
CA ASN A 7 -10.15 1.36 -5.92
C ASN A 7 -9.26 0.44 -5.01
N LEU A 8 -9.07 -0.86 -5.36
CA LEU A 8 -8.17 -1.80 -4.66
C LEU A 8 -7.44 -2.66 -5.72
N GLU A 9 -6.14 -2.44 -5.87
CA GLU A 9 -5.34 -2.88 -7.04
C GLU A 9 -4.39 -4.05 -6.70
N PRO A 10 -4.09 -5.08 -7.55
CA PRO A 10 -3.09 -6.17 -7.25
C PRO A 10 -1.72 -5.90 -6.58
N TRP A 11 -1.06 -4.79 -6.89
CA TRP A 11 -0.26 -4.10 -5.83
C TRP A 11 -0.29 -2.57 -6.06
N ASN A 12 -0.94 -1.76 -5.19
CA ASN A 12 -0.74 -0.24 -5.18
C ASN A 12 -1.20 0.41 -3.81
N HIS A 13 -0.22 0.68 -2.87
CA HIS A 13 -0.44 1.39 -1.57
C HIS A 13 0.24 2.80 -1.61
N PRO A 14 -0.49 3.97 -1.59
CA PRO A 14 0.11 5.31 -1.45
C PRO A 14 0.78 5.79 -0.08
N GLY A 15 0.13 5.57 1.11
CA GLY A 15 0.53 6.14 2.42
C GLY A 15 0.27 5.25 3.66
N SER A 16 -0.40 5.78 4.74
CA SER A 16 -1.05 4.90 5.77
C SER A 16 -2.15 5.71 6.58
N GLN A 17 -1.77 6.27 7.74
CA GLN A 17 -2.69 6.75 8.80
C GLN A 17 -2.63 8.29 9.20
N PRO A 18 -3.64 8.98 9.81
CA PRO A 18 -4.95 8.41 10.30
C PRO A 18 -6.02 8.18 9.14
N ARG A 19 -6.44 6.91 8.94
CA ARG A 19 -7.35 6.42 7.84
C ARG A 19 -7.52 7.23 6.49
N THR A 20 -6.37 7.57 5.82
CA THR A 20 -6.29 8.81 4.95
C THR A 20 -6.71 8.60 3.42
N PRO A 21 -6.13 7.70 2.58
CA PRO A 21 -4.90 6.93 2.86
C PRO A 21 -3.50 7.65 2.58
N CYS A 22 -3.46 8.67 1.68
CA CYS A 22 -2.17 9.15 1.09
C CYS A 22 -1.12 9.95 1.96
N ASN A 23 -1.57 10.80 2.88
CA ASN A 23 -0.72 11.74 3.67
C ASN A 23 0.07 12.83 2.85
N LYS A 24 1.07 13.50 3.42
CA LYS A 24 2.12 14.28 2.66
C LYS A 24 3.52 13.60 2.81
N CYS A 25 3.65 12.29 2.51
CA CYS A 25 4.87 11.41 2.79
C CYS A 25 4.50 9.90 2.59
N TYR A 26 5.34 9.11 1.93
CA TYR A 26 5.09 7.61 1.76
C TYR A 26 5.18 6.76 3.07
N CYS A 27 4.37 5.70 3.27
CA CYS A 27 4.32 4.97 4.55
C CYS A 27 3.79 5.75 5.80
N LYS A 28 4.67 6.35 6.63
CA LYS A 28 4.26 7.40 7.59
C LYS A 28 3.36 6.92 8.79
N LYS A 29 3.93 6.43 9.92
CA LYS A 29 3.18 6.04 11.13
C LYS A 29 2.32 7.21 11.72
N CYS A 30 1.12 6.94 12.33
CA CYS A 30 0.51 7.90 13.29
C CYS A 30 0.21 7.25 14.67
N CYS A 31 -0.75 6.38 15.01
CA CYS A 31 -1.57 5.55 14.07
C CYS A 31 -0.83 4.26 13.57
N TYR A 32 -1.60 3.26 13.14
CA TYR A 32 -1.05 1.95 12.64
C TYR A 32 -0.22 2.02 11.26
N HIS A 33 1.10 1.74 11.29
CA HIS A 33 1.60 0.58 10.50
C HIS A 33 2.56 -0.32 11.36
N CYS A 34 2.40 -1.66 11.27
CA CYS A 34 3.29 -2.64 11.91
C CYS A 34 4.57 -3.04 11.04
N GLN A 35 5.76 -2.73 11.59
CA GLN A 35 7.07 -3.11 10.99
C GLN A 35 7.41 -2.72 9.50
N MET A 36 7.14 -3.57 8.48
CA MET A 36 7.78 -3.48 7.10
C MET A 36 7.37 -2.15 6.34
N CYS A 37 8.26 -1.14 6.25
CA CYS A 37 7.97 0.18 5.65
C CYS A 37 7.62 0.19 4.15
N PHE A 38 8.55 -0.15 3.22
CA PHE A 38 8.31 -0.34 1.75
C PHE A 38 9.55 -1.03 1.05
N ILE A 39 9.56 -2.38 0.89
CA ILE A 39 10.65 -3.11 0.20
C ILE A 39 10.19 -3.36 -1.28
N THR A 40 10.88 -2.86 -2.32
CA THR A 40 10.33 -2.64 -3.67
C THR A 40 10.31 -3.89 -4.57
N LYS A 41 9.47 -4.89 -4.25
CA LYS A 41 9.38 -6.18 -5.00
C LYS A 41 8.37 -6.13 -6.22
N GLY A 42 8.78 -5.55 -7.34
CA GLY A 42 7.96 -5.53 -8.59
C GLY A 42 7.74 -4.06 -9.09
N LEU A 43 8.30 -3.66 -10.26
CA LEU A 43 8.43 -2.25 -10.69
C LEU A 43 7.28 -1.82 -11.72
N GLY A 44 6.05 -1.64 -11.24
CA GLY A 44 4.91 -1.16 -12.07
C GLY A 44 4.86 0.37 -12.38
N ILE A 45 4.42 1.19 -11.43
CA ILE A 45 4.82 2.64 -11.32
C ILE A 45 5.20 2.94 -9.87
N SER A 46 4.27 2.86 -8.91
CA SER A 46 4.47 3.26 -7.47
C SER A 46 5.71 2.67 -6.71
N TYR A 47 5.93 1.36 -6.70
CA TYR A 47 7.30 0.78 -6.61
C TYR A 47 8.21 1.10 -7.87
N GLY A 48 9.30 1.91 -7.65
CA GLY A 48 10.08 2.55 -8.77
C GLY A 48 11.48 3.07 -8.36
N ARG A 49 12.54 2.61 -9.06
CA ARG A 49 13.86 3.27 -9.08
C ARG A 49 13.82 4.57 -9.98
N LYS A 50 13.62 4.45 -11.33
CA LYS A 50 13.12 5.56 -12.23
C LYS A 50 11.60 5.47 -12.65
N LYS A 51 10.70 5.24 -11.66
CA LYS A 51 9.26 5.51 -11.87
C LYS A 51 8.71 6.24 -10.56
N ARG A 52 8.02 5.59 -9.60
CA ARG A 52 7.40 6.19 -8.38
C ARG A 52 6.44 7.43 -8.47
N ARG A 53 5.12 7.19 -8.50
CA ARG A 53 4.12 8.26 -8.21
C ARG A 53 3.04 7.73 -7.17
N GLN A 54 1.92 8.47 -6.92
CA GLN A 54 1.11 8.32 -5.69
C GLN A 54 -0.34 8.89 -5.96
N ARG A 55 -1.35 7.98 -6.03
CA ARG A 55 -2.73 8.33 -6.48
C ARG A 55 -3.76 7.99 -5.37
N ARG A 56 -4.50 9.03 -4.85
CA ARG A 56 -5.59 8.80 -3.87
C ARG A 56 -7.04 8.54 -4.47
N ARG A 57 -7.86 7.56 -4.00
CA ARG A 57 -9.30 7.40 -4.42
C ARG A 57 -10.34 6.88 -3.36
N PRO A 58 -10.25 5.69 -2.69
CA PRO A 58 -11.17 5.32 -1.59
C PRO A 58 -11.03 6.11 -0.20
N PRO A 59 -11.80 5.80 0.89
CA PRO A 59 -11.66 6.49 2.20
C PRO A 59 -10.29 6.45 2.95
N GLN A 60 -9.65 5.42 3.46
CA GLN A 60 -9.99 3.95 3.27
C GLN A 60 -9.42 3.11 4.47
N GLY A 61 -9.99 1.91 4.82
CA GLY A 61 -9.25 0.89 5.62
C GLY A 61 -8.08 0.21 4.91
N ASN A 62 -8.38 -0.71 3.99
CA ASN A 62 -7.35 -1.54 3.24
C ASN A 62 -6.24 -0.69 2.56
N GLN A 63 -6.58 0.27 1.69
CA GLN A 63 -5.56 1.28 1.17
C GLN A 63 -4.88 2.26 2.22
N ALA A 64 -5.28 2.31 3.51
CA ALA A 64 -4.38 2.77 4.63
C ALA A 64 -3.47 1.65 5.32
N HIS A 65 -3.96 0.43 5.44
CA HIS A 65 -3.26 -0.77 6.12
C HIS A 65 -2.31 -1.57 5.18
N GLN A 66 -2.85 -2.02 4.05
CA GLN A 66 -2.49 -3.30 3.35
C GLN A 66 -1.30 -3.23 2.29
N ASP A 67 -0.54 -4.33 2.08
CA ASP A 67 0.20 -4.59 0.80
C ASP A 67 -0.62 -5.26 -0.35
N PRO A 68 -1.15 -6.52 -0.31
CA PRO A 68 -1.50 -7.26 -1.56
C PRO A 68 -3.04 -7.16 -1.98
N LEU A 69 -3.79 -8.22 -1.72
CA LEU A 69 -5.28 -8.23 -1.78
C LEU A 69 -5.82 -9.42 -0.93
N PRO A 70 -5.36 -10.72 -0.91
CA PRO A 70 -6.12 -11.86 -0.30
C PRO A 70 -5.67 -12.21 1.16
N GLU A 71 -6.57 -12.73 1.98
CA GLU A 71 -6.38 -13.10 3.40
C GLU A 71 -5.53 -14.39 3.66
N GLN A 72 -4.25 -14.33 3.33
CA GLN A 72 -3.34 -15.52 3.24
C GLN A 72 -1.90 -15.06 3.64
N PRO A 73 -1.54 -15.01 4.96
CA PRO A 73 -0.32 -14.30 5.45
C PRO A 73 1.11 -14.96 5.32
N SER A 74 1.62 -14.91 4.08
CA SER A 74 3.07 -15.17 3.81
C SER A 74 3.69 -14.05 2.89
N SER A 75 4.39 -14.40 1.78
CA SER A 75 5.14 -13.44 0.92
C SER A 75 4.93 -13.62 -0.64
N GLN A 76 5.01 -12.51 -1.41
CA GLN A 76 4.74 -12.44 -2.89
C GLN A 76 3.24 -12.45 -3.27
N HIS A 77 2.49 -11.33 -3.13
CA HIS A 77 0.99 -11.24 -3.15
C HIS A 77 0.25 -12.16 -2.11
N ARG A 78 0.66 -12.10 -0.84
CA ARG A 78 0.10 -12.99 0.25
C ARG A 78 -0.11 -12.14 1.56
N GLY A 79 0.94 -11.72 2.30
CA GLY A 79 0.84 -10.70 3.40
C GLY A 79 2.10 -9.77 3.44
N ASP A 80 2.12 -8.82 2.48
CA ASP A 80 3.43 -8.25 2.00
C ASP A 80 4.31 -7.41 2.97
N HIS A 81 3.69 -6.74 3.97
CA HIS A 81 4.32 -5.66 4.81
C HIS A 81 3.70 -5.32 6.23
N PRO A 82 2.38 -5.35 6.59
CA PRO A 82 1.90 -5.27 8.01
C PRO A 82 1.93 -6.67 8.78
N THR A 83 1.43 -6.73 10.02
CA THR A 83 0.56 -7.90 10.45
C THR A 83 -0.88 -7.68 9.89
N GLY A 84 -1.10 -8.22 8.66
CA GLY A 84 -2.25 -7.71 7.79
C GLY A 84 -2.21 -8.23 6.31
N PRO A 85 -2.82 -9.36 5.92
CA PRO A 85 -3.03 -9.72 4.50
C PRO A 85 -4.18 -8.89 3.74
N LYS A 86 -5.21 -8.41 4.43
CA LYS A 86 -6.41 -7.84 3.78
C LYS A 86 -7.07 -6.79 4.72
N GLU A 87 -6.53 -5.54 4.72
CA GLU A 87 -6.44 -4.64 5.91
C GLU A 87 -4.97 -4.98 6.43
N MET A 1 0.91 0.89 -12.52
CA MET A 1 0.04 0.96 -11.31
C MET A 1 -0.89 2.25 -11.25
N ASP A 2 -0.22 3.45 -11.30
CA ASP A 2 -0.91 4.79 -11.40
C ASP A 2 -2.10 5.08 -12.46
N PRO A 3 -2.24 4.63 -13.76
CA PRO A 3 -3.38 5.04 -14.68
C PRO A 3 -4.89 4.65 -14.35
N VAL A 4 -5.19 3.79 -13.38
CA VAL A 4 -6.60 3.29 -13.19
C VAL A 4 -7.43 4.41 -12.46
N ASP A 5 -7.66 4.23 -11.14
CA ASP A 5 -8.41 5.23 -10.37
C ASP A 5 -7.70 5.68 -9.03
N PRO A 6 -7.16 4.84 -8.10
CA PRO A 6 -7.31 3.35 -8.02
C PRO A 6 -8.20 2.84 -6.81
N ASN A 7 -9.20 2.03 -7.10
CA ASN A 7 -10.06 1.41 -6.04
C ASN A 7 -9.29 0.42 -5.06
N LEU A 8 -9.09 -0.88 -5.44
CA LEU A 8 -8.30 -1.88 -4.68
C LEU A 8 -7.52 -2.70 -5.75
N GLU A 9 -6.25 -2.34 -5.95
CA GLU A 9 -5.37 -2.84 -7.06
C GLU A 9 -4.42 -4.04 -6.58
N PRO A 10 -4.16 -5.11 -7.41
CA PRO A 10 -3.18 -6.19 -7.04
C PRO A 10 -1.87 -5.87 -6.31
N TRP A 11 -1.22 -4.76 -6.65
CA TRP A 11 -0.32 -4.08 -5.66
C TRP A 11 -0.35 -2.53 -5.89
N ASN A 12 -1.03 -1.70 -5.09
CA ASN A 12 -0.80 -0.20 -5.08
C ASN A 12 -1.23 0.36 -3.69
N HIS A 13 -0.22 0.73 -2.86
CA HIS A 13 -0.43 1.41 -1.59
C HIS A 13 0.20 2.87 -1.58
N PRO A 14 -0.54 3.99 -1.63
CA PRO A 14 0.03 5.37 -1.49
C PRO A 14 0.78 5.82 -0.15
N GLY A 15 0.20 5.53 1.02
CA GLY A 15 0.60 6.01 2.40
C GLY A 15 0.14 5.14 3.63
N SER A 16 -0.61 5.69 4.61
CA SER A 16 -1.24 4.89 5.72
C SER A 16 -2.12 5.92 6.53
N GLN A 17 -1.64 6.41 7.73
CA GLN A 17 -2.56 6.81 8.84
C GLN A 17 -2.49 8.40 9.21
N PRO A 18 -3.61 9.05 9.71
CA PRO A 18 -4.84 8.36 10.20
C PRO A 18 -5.90 8.06 9.08
N ARG A 19 -6.19 6.74 8.83
CA ARG A 19 -7.09 6.15 7.73
C ARG A 19 -7.42 7.11 6.51
N THR A 20 -6.33 7.51 5.84
CA THR A 20 -6.32 8.78 5.06
C THR A 20 -6.82 8.67 3.57
N PRO A 21 -6.27 7.86 2.61
CA PRO A 21 -5.05 7.03 2.80
C PRO A 21 -3.68 7.68 2.44
N CYS A 22 -3.62 8.74 1.60
CA CYS A 22 -2.36 9.21 1.00
C CYS A 22 -1.23 9.83 1.89
N ASN A 23 -1.65 10.75 2.83
CA ASN A 23 -0.69 11.59 3.59
C ASN A 23 0.10 12.63 2.77
N LYS A 24 0.99 13.43 3.38
CA LYS A 24 2.09 14.15 2.63
C LYS A 24 3.53 13.55 2.81
N CYS A 25 3.68 12.20 2.74
CA CYS A 25 4.96 11.41 2.89
C CYS A 25 4.62 9.87 2.69
N TYR A 26 5.43 9.11 1.97
CA TYR A 26 5.20 7.63 1.75
C TYR A 26 5.28 6.79 3.08
N CYS A 27 4.44 5.77 3.20
CA CYS A 27 4.29 4.94 4.43
C CYS A 27 3.75 5.80 5.65
N LYS A 28 4.64 6.30 6.54
CA LYS A 28 4.29 7.34 7.58
C LYS A 28 3.44 6.85 8.79
N LYS A 29 4.08 6.49 9.91
CA LYS A 29 3.37 6.06 11.19
C LYS A 29 2.47 7.19 11.90
N CYS A 30 1.31 6.88 12.53
CA CYS A 30 0.67 7.81 13.52
C CYS A 30 0.41 7.16 14.92
N CYS A 31 -0.46 6.16 15.19
CA CYS A 31 -1.25 5.38 14.18
C CYS A 31 -0.58 4.02 13.76
N TYR A 32 -1.36 2.99 13.39
CA TYR A 32 -0.84 1.69 12.87
C TYR A 32 -0.08 1.83 11.49
N HIS A 33 1.18 1.38 11.44
CA HIS A 33 1.72 0.38 10.47
C HIS A 33 2.78 -0.51 11.21
N CYS A 34 2.42 -1.76 11.54
CA CYS A 34 3.37 -2.77 11.99
C CYS A 34 4.64 -3.02 11.11
N GLN A 35 5.86 -2.62 11.57
CA GLN A 35 7.21 -3.03 11.02
C GLN A 35 7.47 -2.63 9.51
N MET A 36 7.19 -3.54 8.56
CA MET A 36 7.67 -3.46 7.14
C MET A 36 7.34 -2.10 6.39
N CYS A 37 8.31 -1.14 6.29
CA CYS A 37 8.03 0.16 5.65
C CYS A 37 7.57 0.12 4.15
N PHE A 38 8.50 -0.14 3.24
CA PHE A 38 8.23 -0.49 1.83
C PHE A 38 9.52 -1.14 1.21
N ILE A 39 9.52 -2.48 0.96
CA ILE A 39 10.59 -3.19 0.17
C ILE A 39 10.08 -3.40 -1.31
N THR A 40 10.85 -2.93 -2.30
CA THR A 40 10.36 -2.70 -3.67
C THR A 40 10.36 -3.99 -4.59
N LYS A 41 9.35 -4.88 -4.38
CA LYS A 41 9.23 -6.19 -5.09
C LYS A 41 8.15 -6.12 -6.19
N GLY A 42 8.63 -5.82 -7.44
CA GLY A 42 7.69 -5.59 -8.59
C GLY A 42 7.58 -4.13 -9.11
N LEU A 43 8.34 -3.77 -10.16
CA LEU A 43 8.43 -2.35 -10.64
C LEU A 43 7.31 -1.88 -11.67
N GLY A 44 6.00 -1.88 -11.25
CA GLY A 44 4.87 -1.41 -12.09
C GLY A 44 4.88 0.14 -12.28
N ILE A 45 4.30 0.97 -11.37
CA ILE A 45 4.72 2.42 -11.27
C ILE A 45 5.17 2.74 -9.83
N SER A 46 4.24 2.79 -8.86
CA SER A 46 4.51 3.18 -7.43
C SER A 46 5.74 2.61 -6.61
N TYR A 47 6.08 1.34 -6.79
CA TYR A 47 7.45 0.77 -6.62
C TYR A 47 8.36 1.09 -7.85
N GLY A 48 9.44 1.87 -7.59
CA GLY A 48 10.16 2.52 -8.71
C GLY A 48 11.57 3.09 -8.30
N ARG A 49 12.61 2.69 -9.06
CA ARG A 49 13.94 3.30 -9.08
C ARG A 49 13.81 4.65 -9.85
N LYS A 50 13.79 4.65 -11.18
CA LYS A 50 13.29 5.83 -12.01
C LYS A 50 11.77 5.62 -12.45
N LYS A 51 10.82 5.35 -11.52
CA LYS A 51 9.34 5.44 -11.73
C LYS A 51 8.69 6.21 -10.43
N ARG A 52 7.87 5.54 -9.60
CA ARG A 52 7.32 5.98 -8.29
C ARG A 52 6.41 7.26 -8.35
N ARG A 53 5.08 7.06 -8.46
CA ARG A 53 4.03 8.09 -8.19
C ARG A 53 2.98 7.66 -7.10
N GLN A 54 1.99 8.50 -6.80
CA GLN A 54 1.18 8.36 -5.57
C GLN A 54 -0.25 8.95 -5.86
N ARG A 55 -1.23 8.06 -5.95
CA ARG A 55 -2.61 8.40 -6.40
C ARG A 55 -3.73 7.95 -5.38
N ARG A 56 -4.48 8.91 -4.84
CA ARG A 56 -5.54 8.65 -3.85
C ARG A 56 -6.98 8.55 -4.51
N ARG A 57 -7.87 7.67 -4.02
CA ARG A 57 -9.29 7.57 -4.48
C ARG A 57 -10.25 7.15 -3.32
N PRO A 58 -10.22 5.88 -2.73
CA PRO A 58 -11.23 5.47 -1.71
C PRO A 58 -11.13 6.15 -0.29
N PRO A 59 -11.99 5.88 0.74
CA PRO A 59 -11.89 6.44 2.13
C PRO A 59 -10.58 6.45 3.00
N GLN A 60 -9.77 5.47 3.40
CA GLN A 60 -10.04 4.00 3.22
C GLN A 60 -9.36 3.13 4.29
N GLY A 61 -10.06 2.07 4.69
CA GLY A 61 -9.43 0.95 5.47
C GLY A 61 -8.31 0.17 4.82
N ASN A 62 -8.66 -0.74 3.91
CA ASN A 62 -7.60 -1.59 3.22
C ASN A 62 -6.41 -0.78 2.56
N GLN A 63 -6.71 0.27 1.80
CA GLN A 63 -5.63 1.18 1.25
C GLN A 63 -4.93 2.19 2.24
N ALA A 64 -5.24 2.24 3.54
CA ALA A 64 -4.27 2.67 4.60
C ALA A 64 -3.36 1.55 5.25
N HIS A 65 -3.94 0.37 5.49
CA HIS A 65 -3.23 -0.81 6.13
C HIS A 65 -2.40 -1.74 5.20
N GLN A 66 -2.82 -2.05 3.99
CA GLN A 66 -2.48 -3.32 3.30
C GLN A 66 -1.34 -3.20 2.21
N ASP A 67 -0.58 -4.25 1.93
CA ASP A 67 0.16 -4.46 0.64
C ASP A 67 -0.72 -5.14 -0.46
N PRO A 68 -1.13 -6.45 -0.40
CA PRO A 68 -1.51 -7.17 -1.66
C PRO A 68 -3.02 -7.24 -2.05
N LEU A 69 -3.82 -8.26 -1.66
CA LEU A 69 -5.33 -8.40 -1.83
C LEU A 69 -5.90 -9.62 -0.96
N PRO A 70 -5.43 -10.91 -0.92
CA PRO A 70 -6.15 -12.01 -0.24
C PRO A 70 -5.78 -12.24 1.27
N GLU A 71 -6.65 -12.92 2.01
CA GLU A 71 -6.44 -13.21 3.44
C GLU A 71 -5.47 -14.41 3.73
N GLN A 72 -4.25 -14.43 3.14
CA GLN A 72 -3.36 -15.64 3.20
C GLN A 72 -1.93 -15.18 3.65
N PRO A 73 -1.59 -14.93 4.94
CA PRO A 73 -0.43 -14.09 5.32
C PRO A 73 0.98 -14.69 5.24
N SER A 74 1.52 -14.80 4.00
CA SER A 74 2.96 -15.17 3.70
C SER A 74 3.61 -14.14 2.72
N SER A 75 4.40 -14.56 1.75
CA SER A 75 5.14 -13.61 0.85
C SER A 75 4.73 -13.61 -0.67
N GLN A 76 5.01 -12.46 -1.32
CA GLN A 76 4.74 -12.23 -2.76
C GLN A 76 3.24 -12.30 -3.19
N HIS A 77 2.47 -11.20 -3.02
CA HIS A 77 1.00 -11.19 -3.17
C HIS A 77 0.20 -12.15 -2.24
N ARG A 78 0.44 -12.06 -0.96
CA ARG A 78 -0.06 -12.94 0.16
C ARG A 78 -0.24 -12.05 1.45
N GLY A 79 0.83 -11.62 2.14
CA GLY A 79 0.74 -10.63 3.25
C GLY A 79 1.82 -9.56 3.32
N ASP A 80 2.09 -8.85 2.19
CA ASP A 80 3.40 -8.19 1.87
C ASP A 80 4.30 -7.45 2.94
N HIS A 81 3.67 -6.75 3.90
CA HIS A 81 4.36 -5.80 4.80
C HIS A 81 3.75 -5.57 6.25
N PRO A 82 2.44 -5.60 6.62
CA PRO A 82 2.00 -5.38 8.03
C PRO A 82 2.00 -6.73 8.86
N THR A 83 1.43 -6.69 10.06
CA THR A 83 0.53 -7.80 10.54
C THR A 83 -0.97 -7.54 9.98
N GLY A 84 -1.26 -8.02 8.76
CA GLY A 84 -2.33 -7.44 7.88
C GLY A 84 -2.20 -8.04 6.43
N PRO A 85 -2.87 -9.16 6.01
CA PRO A 85 -2.91 -9.51 4.56
C PRO A 85 -4.01 -8.78 3.67
N LYS A 86 -5.14 -8.42 4.26
CA LYS A 86 -6.34 -7.82 3.62
C LYS A 86 -6.98 -6.85 4.67
N GLU A 87 -6.61 -5.55 4.67
CA GLU A 87 -6.50 -4.73 5.95
C GLU A 87 -5.10 -4.99 6.60
N MET A 1 0.73 0.84 -12.69
CA MET A 1 -0.02 0.91 -11.42
C MET A 1 -0.84 2.24 -11.29
N ASP A 2 -0.21 3.48 -11.37
CA ASP A 2 -0.95 4.80 -11.34
C ASP A 2 -2.14 5.05 -12.38
N PRO A 3 -2.19 4.72 -13.70
CA PRO A 3 -3.24 5.23 -14.61
C PRO A 3 -4.79 4.74 -14.45
N VAL A 4 -5.09 3.83 -13.51
CA VAL A 4 -6.52 3.33 -13.29
C VAL A 4 -7.42 4.42 -12.54
N ASP A 5 -7.70 4.25 -11.24
CA ASP A 5 -8.42 5.27 -10.39
C ASP A 5 -7.67 5.69 -9.08
N PRO A 6 -7.14 4.81 -8.12
CA PRO A 6 -7.33 3.36 -8.08
C PRO A 6 -8.19 2.81 -6.85
N ASN A 7 -9.14 1.88 -7.11
CA ASN A 7 -10.03 1.32 -6.07
C ASN A 7 -9.34 0.30 -5.10
N LEU A 8 -9.23 -0.98 -5.46
CA LEU A 8 -8.47 -2.00 -4.65
C LEU A 8 -7.59 -2.83 -5.59
N GLU A 9 -6.36 -2.31 -5.79
CA GLU A 9 -5.45 -2.82 -6.85
C GLU A 9 -4.62 -4.11 -6.47
N PRO A 10 -4.22 -5.02 -7.38
CA PRO A 10 -3.25 -6.14 -7.05
C PRO A 10 -1.92 -5.83 -6.31
N TRP A 11 -1.15 -4.82 -6.77
CA TRP A 11 -0.26 -4.10 -5.83
C TRP A 11 -0.25 -2.54 -6.05
N ASN A 12 -0.88 -1.77 -5.12
CA ASN A 12 -0.72 -0.30 -5.05
C ASN A 12 -1.20 0.24 -3.67
N HIS A 13 -0.22 0.71 -2.88
CA HIS A 13 -0.45 1.38 -1.59
C HIS A 13 0.10 2.87 -1.58
N PRO A 14 -0.69 3.98 -1.60
CA PRO A 14 -0.16 5.37 -1.42
C PRO A 14 0.60 5.80 -0.11
N GLY A 15 0.08 5.50 1.12
CA GLY A 15 0.60 6.07 2.40
C GLY A 15 0.25 5.25 3.64
N SER A 16 -0.46 5.80 4.65
CA SER A 16 -1.19 5.03 5.70
C SER A 16 -2.08 5.94 6.60
N GLN A 17 -1.59 6.36 7.79
CA GLN A 17 -2.50 6.75 8.92
C GLN A 17 -2.57 8.32 9.20
N PRO A 18 -3.68 8.92 9.75
CA PRO A 18 -4.85 8.19 10.26
C PRO A 18 -5.91 7.75 9.19
N ARG A 19 -6.19 6.42 9.01
CA ARG A 19 -6.82 5.90 7.75
C ARG A 19 -7.20 6.85 6.52
N THR A 20 -6.18 7.39 5.85
CA THR A 20 -6.29 8.65 5.02
C THR A 20 -6.76 8.47 3.53
N PRO A 21 -6.24 7.57 2.61
CA PRO A 21 -4.94 6.85 2.75
C PRO A 21 -3.59 7.58 2.44
N CYS A 22 -3.61 8.59 1.51
CA CYS A 22 -2.38 9.14 0.88
C CYS A 22 -1.35 9.82 1.83
N ASN A 23 -1.71 10.77 2.73
CA ASN A 23 -0.67 11.59 3.46
C ASN A 23 0.26 12.50 2.57
N LYS A 24 1.00 13.41 3.18
CA LYS A 24 2.16 14.10 2.50
C LYS A 24 3.61 13.42 2.65
N CYS A 25 3.63 12.11 2.68
CA CYS A 25 4.83 11.27 2.87
C CYS A 25 4.45 9.75 2.58
N TYR A 26 5.28 9.07 1.81
CA TYR A 26 5.25 7.59 1.70
C TYR A 26 5.34 6.78 3.04
N CYS A 27 4.37 5.86 3.23
CA CYS A 27 4.14 5.08 4.47
C CYS A 27 3.71 5.91 5.72
N LYS A 28 4.70 6.37 6.55
CA LYS A 28 4.52 7.34 7.67
C LYS A 28 3.66 6.83 8.86
N LYS A 29 4.27 6.42 9.99
CA LYS A 29 3.55 6.03 11.26
C LYS A 29 2.66 7.18 11.89
N CYS A 30 1.56 6.83 12.60
CA CYS A 30 0.91 7.77 13.55
C CYS A 30 0.62 7.16 14.97
N CYS A 31 -0.19 6.11 15.25
CA CYS A 31 -0.95 5.30 14.22
C CYS A 31 -0.34 3.88 13.85
N TYR A 32 -1.24 2.93 13.44
CA TYR A 32 -0.89 1.57 12.97
C TYR A 32 -0.13 1.59 11.57
N HIS A 33 1.09 1.05 11.56
CA HIS A 33 1.63 0.12 10.54
C HIS A 33 2.71 -0.71 11.24
N CYS A 34 2.48 -1.94 11.62
CA CYS A 34 3.53 -2.88 12.14
C CYS A 34 4.76 -3.12 11.17
N GLN A 35 5.97 -2.82 11.70
CA GLN A 35 7.27 -3.15 11.05
C GLN A 35 7.49 -2.69 9.56
N MET A 36 7.19 -3.52 8.57
CA MET A 36 7.68 -3.46 7.15
C MET A 36 7.26 -2.11 6.39
N CYS A 37 8.18 -1.12 6.30
CA CYS A 37 7.95 0.22 5.62
C CYS A 37 7.66 0.18 4.07
N PHE A 38 8.62 -0.05 3.18
CA PHE A 38 8.36 -0.39 1.75
C PHE A 38 9.62 -1.12 1.16
N ILE A 39 9.45 -2.41 0.86
CA ILE A 39 10.50 -3.21 0.12
C ILE A 39 10.01 -3.49 -1.34
N THR A 40 10.75 -2.93 -2.33
CA THR A 40 10.25 -2.82 -3.74
C THR A 40 10.31 -4.18 -4.58
N LYS A 41 9.32 -5.05 -4.37
CA LYS A 41 9.10 -6.26 -5.20
C LYS A 41 7.98 -6.07 -6.30
N GLY A 42 8.42 -5.88 -7.56
CA GLY A 42 7.51 -5.62 -8.71
C GLY A 42 7.44 -4.14 -9.17
N LEU A 43 8.33 -3.72 -10.12
CA LEU A 43 8.43 -2.32 -10.57
C LEU A 43 7.29 -1.97 -11.66
N GLY A 44 6.02 -2.03 -11.23
CA GLY A 44 4.89 -1.47 -12.06
C GLY A 44 4.96 0.05 -12.24
N ILE A 45 4.40 0.88 -11.34
CA ILE A 45 4.62 2.37 -11.26
C ILE A 45 4.93 2.87 -9.77
N SER A 46 4.05 2.60 -8.76
CA SER A 46 4.31 2.96 -7.34
C SER A 46 5.61 2.42 -6.66
N TYR A 47 5.95 1.13 -6.74
CA TYR A 47 7.34 0.66 -6.59
C TYR A 47 8.25 1.09 -7.84
N GLY A 48 9.31 1.93 -7.59
CA GLY A 48 10.20 2.52 -8.69
C GLY A 48 11.56 3.25 -8.38
N ARG A 49 12.66 2.69 -8.98
CA ARG A 49 14.00 3.40 -8.97
C ARG A 49 13.92 4.75 -9.83
N LYS A 50 13.82 4.69 -11.19
CA LYS A 50 13.32 5.86 -12.02
C LYS A 50 11.79 5.63 -12.47
N LYS A 51 10.87 5.41 -11.51
CA LYS A 51 9.37 5.48 -11.77
C LYS A 51 8.77 6.18 -10.46
N ARG A 52 7.93 5.52 -9.69
CA ARG A 52 7.52 5.96 -8.31
C ARG A 52 6.54 7.20 -8.25
N ARG A 53 5.22 7.01 -8.47
CA ARG A 53 4.18 8.07 -8.18
C ARG A 53 3.19 7.65 -7.03
N GLN A 54 2.23 8.53 -6.66
CA GLN A 54 1.33 8.37 -5.44
C GLN A 54 -0.09 8.96 -5.75
N ARG A 55 -1.14 8.13 -5.87
CA ARG A 55 -2.50 8.58 -6.33
C ARG A 55 -3.69 8.17 -5.40
N ARG A 56 -4.42 9.12 -4.79
CA ARG A 56 -5.60 8.83 -3.87
C ARG A 56 -6.97 8.56 -4.64
N ARG A 57 -7.70 7.52 -4.29
CA ARG A 57 -9.18 7.45 -4.62
C ARG A 57 -10.11 7.19 -3.38
N PRO A 58 -10.25 5.98 -2.74
CA PRO A 58 -11.36 5.69 -1.74
C PRO A 58 -11.26 6.19 -0.27
N PRO A 59 -12.21 5.95 0.70
CA PRO A 59 -12.11 6.47 2.09
C PRO A 59 -10.75 6.48 2.93
N GLN A 60 -9.95 5.46 3.24
CA GLN A 60 -10.21 4.01 3.05
C GLN A 60 -9.62 3.22 4.28
N GLY A 61 -10.21 2.07 4.67
CA GLY A 61 -9.56 1.00 5.50
C GLY A 61 -8.38 0.31 4.78
N ASN A 62 -8.69 -0.66 3.93
CA ASN A 62 -7.68 -1.50 3.24
C ASN A 62 -6.52 -0.73 2.57
N GLN A 63 -6.80 0.31 1.74
CA GLN A 63 -5.72 1.17 1.14
C GLN A 63 -4.88 2.09 2.13
N ALA A 64 -5.18 2.13 3.45
CA ALA A 64 -4.32 2.72 4.51
C ALA A 64 -3.43 1.63 5.24
N HIS A 65 -3.96 0.41 5.48
CA HIS A 65 -3.24 -0.79 6.12
C HIS A 65 -2.40 -1.64 5.14
N GLN A 66 -3.00 -2.12 4.05
CA GLN A 66 -2.62 -3.34 3.25
C GLN A 66 -1.32 -3.19 2.40
N ASP A 67 -0.59 -4.31 2.10
CA ASP A 67 0.20 -4.48 0.84
C ASP A 67 -0.63 -5.13 -0.33
N PRO A 68 -1.16 -6.41 -0.34
CA PRO A 68 -1.56 -7.06 -1.63
C PRO A 68 -3.12 -7.18 -2.01
N LEU A 69 -3.81 -8.36 -1.83
CA LEU A 69 -5.31 -8.50 -1.94
C LEU A 69 -5.92 -9.69 -1.02
N PRO A 70 -5.45 -10.97 -0.94
CA PRO A 70 -6.16 -12.06 -0.17
C PRO A 70 -5.78 -12.17 1.35
N GLU A 71 -6.67 -12.88 2.10
CA GLU A 71 -6.50 -13.15 3.58
C GLU A 71 -5.60 -14.39 3.86
N GLN A 72 -4.42 -14.41 3.20
CA GLN A 72 -3.49 -15.59 3.20
C GLN A 72 -2.10 -15.05 3.63
N PRO A 73 -1.68 -14.85 4.91
CA PRO A 73 -0.53 -13.94 5.27
C PRO A 73 0.92 -14.56 5.09
N SER A 74 1.38 -14.71 3.84
CA SER A 74 2.74 -15.18 3.54
C SER A 74 3.61 -14.12 2.75
N SER A 75 4.39 -14.55 1.76
CA SER A 75 5.23 -13.67 0.89
C SER A 75 4.79 -13.62 -0.64
N GLN A 76 5.01 -12.47 -1.33
CA GLN A 76 4.70 -12.24 -2.80
C GLN A 76 3.21 -12.43 -3.28
N HIS A 77 2.48 -11.32 -3.23
CA HIS A 77 1.00 -11.29 -3.38
C HIS A 77 0.15 -12.18 -2.35
N ARG A 78 0.39 -11.98 -1.05
CA ARG A 78 -0.12 -12.84 0.04
C ARG A 78 -0.36 -12.03 1.37
N GLY A 79 0.67 -11.60 2.09
CA GLY A 79 0.58 -10.58 3.22
C GLY A 79 1.71 -9.52 3.30
N ASP A 80 2.02 -8.88 2.16
CA ASP A 80 3.36 -8.27 1.86
C ASP A 80 4.21 -7.40 2.86
N HIS A 81 3.59 -6.73 3.83
CA HIS A 81 4.30 -5.78 4.76
C HIS A 81 3.78 -5.59 6.23
N PRO A 82 2.50 -5.76 6.73
CA PRO A 82 2.13 -5.62 8.18
C PRO A 82 2.01 -6.96 9.00
N THR A 83 1.37 -6.89 10.17
CA THR A 83 0.43 -7.98 10.63
C THR A 83 -1.00 -7.68 10.06
N GLY A 84 -1.30 -8.00 8.73
CA GLY A 84 -2.47 -7.44 7.99
C GLY A 84 -2.44 -7.85 6.49
N PRO A 85 -2.99 -9.05 6.06
CA PRO A 85 -2.98 -9.45 4.62
C PRO A 85 -4.08 -8.76 3.79
N LYS A 86 -5.30 -8.63 4.27
CA LYS A 86 -6.47 -8.00 3.55
C LYS A 86 -7.05 -6.97 4.57
N GLU A 87 -6.49 -5.74 4.57
CA GLU A 87 -6.38 -4.88 5.81
C GLU A 87 -5.05 -5.15 6.57
N MET A 1 0.66 0.94 -12.61
CA MET A 1 -0.14 0.99 -11.34
C MET A 1 -1.00 2.30 -11.16
N ASP A 2 -0.41 3.51 -11.30
CA ASP A 2 -1.11 4.82 -11.34
C ASP A 2 -2.34 5.11 -12.31
N PRO A 3 -2.32 4.93 -13.66
CA PRO A 3 -3.37 5.39 -14.59
C PRO A 3 -4.80 4.74 -14.60
N VAL A 4 -5.18 3.82 -13.69
CA VAL A 4 -6.58 3.34 -13.46
C VAL A 4 -7.40 4.41 -12.60
N ASP A 5 -7.71 4.18 -11.31
CA ASP A 5 -8.35 5.21 -10.42
C ASP A 5 -7.70 5.58 -8.99
N PRO A 6 -7.19 4.68 -8.08
CA PRO A 6 -7.46 3.22 -8.05
C PRO A 6 -8.34 2.78 -6.80
N ASN A 7 -9.27 1.81 -6.99
CA ASN A 7 -10.07 1.28 -5.85
C ASN A 7 -9.32 0.20 -4.97
N LEU A 8 -9.32 -1.07 -5.32
CA LEU A 8 -8.70 -2.19 -4.53
C LEU A 8 -7.73 -2.93 -5.45
N GLU A 9 -6.46 -2.41 -5.63
CA GLU A 9 -5.61 -2.86 -6.80
C GLU A 9 -4.65 -4.07 -6.44
N PRO A 10 -4.34 -5.04 -7.35
CA PRO A 10 -3.27 -6.11 -7.13
C PRO A 10 -1.91 -5.82 -6.45
N TRP A 11 -1.29 -4.66 -6.77
CA TRP A 11 -0.37 -4.01 -5.82
C TRP A 11 -0.38 -2.48 -6.03
N ASN A 12 -1.01 -1.67 -5.18
CA ASN A 12 -0.78 -0.20 -5.13
C ASN A 12 -1.20 0.29 -3.69
N HIS A 13 -0.22 0.69 -2.87
CA HIS A 13 -0.44 1.35 -1.59
C HIS A 13 0.12 2.84 -1.56
N PRO A 14 -0.70 3.95 -1.60
CA PRO A 14 -0.22 5.37 -1.40
C PRO A 14 0.49 5.81 -0.03
N GLY A 15 -0.16 5.58 1.12
CA GLY A 15 0.33 6.12 2.39
C GLY A 15 0.19 5.20 3.60
N SER A 16 -0.47 5.69 4.67
CA SER A 16 -1.01 4.84 5.82
C SER A 16 -1.93 5.74 6.75
N GLN A 17 -1.40 6.36 7.83
CA GLN A 17 -2.25 6.78 9.00
C GLN A 17 -2.49 8.34 9.17
N PRO A 18 -3.67 8.85 9.68
CA PRO A 18 -4.81 8.03 10.13
C PRO A 18 -5.87 7.54 9.07
N ARG A 19 -6.01 6.21 8.87
CA ARG A 19 -6.79 5.59 7.73
C ARG A 19 -7.08 6.43 6.37
N THR A 20 -6.08 7.08 5.79
CA THR A 20 -6.32 8.34 5.00
C THR A 20 -6.74 8.16 3.47
N PRO A 21 -6.14 7.34 2.55
CA PRO A 21 -4.78 6.69 2.63
C PRO A 21 -3.47 7.50 2.48
N CYS A 22 -3.47 8.47 1.55
CA CYS A 22 -2.29 9.02 0.89
C CYS A 22 -1.21 9.76 1.73
N ASN A 23 -1.55 10.76 2.58
CA ASN A 23 -0.53 11.57 3.32
C ASN A 23 0.37 12.47 2.41
N LYS A 24 0.99 13.53 2.93
CA LYS A 24 2.16 14.20 2.25
C LYS A 24 3.53 13.39 2.38
N CYS A 25 3.55 12.07 2.46
CA CYS A 25 4.74 11.18 2.58
C CYS A 25 4.35 9.62 2.41
N TYR A 26 5.29 8.82 1.89
CA TYR A 26 5.10 7.34 1.75
C TYR A 26 5.17 6.57 3.11
N CYS A 27 4.12 5.77 3.41
CA CYS A 27 3.99 4.96 4.67
C CYS A 27 3.72 5.87 5.86
N LYS A 28 4.75 6.37 6.57
CA LYS A 28 4.62 7.36 7.71
C LYS A 28 3.82 6.87 8.97
N LYS A 29 4.45 6.51 10.09
CA LYS A 29 3.71 6.11 11.34
C LYS A 29 2.73 7.20 11.93
N CYS A 30 1.64 6.80 12.59
CA CYS A 30 0.93 7.68 13.57
C CYS A 30 0.69 6.94 14.96
N CYS A 31 -0.18 5.92 15.24
CA CYS A 31 -1.01 5.18 14.27
C CYS A 31 -0.41 3.77 13.84
N TYR A 32 -1.26 2.80 13.46
CA TYR A 32 -0.80 1.43 13.09
C TYR A 32 -0.07 1.33 11.71
N HIS A 33 1.21 0.87 11.79
CA HIS A 33 1.78 -0.03 10.78
C HIS A 33 2.91 -0.82 11.49
N CYS A 34 2.71 -2.15 11.60
CA CYS A 34 3.74 -3.08 12.12
C CYS A 34 4.93 -3.30 11.12
N GLN A 35 6.16 -3.07 11.61
CA GLN A 35 7.49 -3.36 10.94
C GLN A 35 7.76 -2.85 9.48
N MET A 36 7.39 -3.58 8.44
CA MET A 36 7.81 -3.38 7.00
C MET A 36 7.42 -1.96 6.39
N CYS A 37 8.32 -0.98 6.28
CA CYS A 37 8.03 0.34 5.61
C CYS A 37 7.62 0.23 4.09
N PHE A 38 8.56 -0.01 3.19
CA PHE A 38 8.26 -0.47 1.79
C PHE A 38 9.51 -1.20 1.17
N ILE A 39 9.40 -2.50 0.94
CA ILE A 39 10.42 -3.28 0.18
C ILE A 39 9.96 -3.57 -1.30
N THR A 40 10.72 -3.12 -2.34
CA THR A 40 10.22 -3.00 -3.76
C THR A 40 10.33 -4.37 -4.61
N LYS A 41 9.31 -5.24 -4.46
CA LYS A 41 9.01 -6.44 -5.31
C LYS A 41 7.91 -6.13 -6.39
N GLY A 42 8.29 -6.16 -7.68
CA GLY A 42 7.36 -5.78 -8.81
C GLY A 42 7.36 -4.27 -9.16
N LEU A 43 8.18 -3.85 -10.13
CA LEU A 43 8.43 -2.38 -10.40
C LEU A 43 7.46 -1.84 -11.58
N GLY A 44 6.18 -1.71 -11.26
CA GLY A 44 5.12 -1.25 -12.17
C GLY A 44 5.05 0.27 -12.43
N ILE A 45 4.47 1.03 -11.49
CA ILE A 45 4.60 2.53 -11.41
C ILE A 45 4.87 2.98 -9.91
N SER A 46 4.11 2.59 -8.88
CA SER A 46 4.35 3.04 -7.46
C SER A 46 5.63 2.57 -6.73
N TYR A 47 5.96 1.26 -6.74
CA TYR A 47 7.37 0.82 -6.50
C TYR A 47 8.35 1.18 -7.68
N GLY A 48 9.49 1.83 -7.49
CA GLY A 48 10.23 2.31 -8.67
C GLY A 48 11.54 3.02 -8.39
N ARG A 49 12.62 2.60 -9.07
CA ARG A 49 13.94 3.33 -9.02
C ARG A 49 13.96 4.63 -9.95
N LYS A 50 13.84 4.52 -11.30
CA LYS A 50 13.28 5.64 -12.12
C LYS A 50 11.78 5.40 -12.54
N LYS A 51 10.88 5.29 -11.55
CA LYS A 51 9.40 5.48 -11.79
C LYS A 51 8.75 6.22 -10.53
N ARG A 52 7.85 5.62 -9.73
CA ARG A 52 7.53 6.06 -8.31
C ARG A 52 6.50 7.29 -8.19
N ARG A 53 5.19 7.04 -8.31
CA ARG A 53 4.11 8.04 -8.10
C ARG A 53 3.04 7.60 -7.05
N GLN A 54 2.24 8.54 -6.51
CA GLN A 54 1.31 8.38 -5.34
C GLN A 54 -0.07 9.07 -5.68
N ARG A 55 -1.16 8.29 -5.83
CA ARG A 55 -2.52 8.81 -6.17
C ARG A 55 -3.56 8.30 -5.11
N ARG A 56 -4.47 9.18 -4.67
CA ARG A 56 -5.58 8.79 -3.78
C ARG A 56 -6.93 8.53 -4.59
N ARG A 57 -7.82 7.62 -4.10
CA ARG A 57 -9.25 7.59 -4.57
C ARG A 57 -10.28 7.20 -3.45
N PRO A 58 -10.47 5.93 -2.96
CA PRO A 58 -11.50 5.60 -1.93
C PRO A 58 -11.36 6.22 -0.49
N PRO A 59 -12.29 5.99 0.50
CA PRO A 59 -12.21 6.63 1.82
C PRO A 59 -10.92 6.55 2.74
N GLN A 60 -10.25 5.54 3.30
CA GLN A 60 -10.50 4.07 3.15
C GLN A 60 -9.98 3.35 4.42
N GLY A 61 -10.52 2.13 4.62
CA GLY A 61 -9.73 1.06 5.39
C GLY A 61 -8.48 0.47 4.68
N ASN A 62 -8.77 -0.49 3.79
CA ASN A 62 -7.76 -1.39 3.16
C ASN A 62 -6.61 -0.62 2.45
N GLN A 63 -6.82 0.31 1.49
CA GLN A 63 -5.71 1.14 0.91
C GLN A 63 -4.97 2.05 1.96
N ALA A 64 -5.22 2.07 3.30
CA ALA A 64 -4.24 2.58 4.31
C ALA A 64 -3.40 1.55 5.14
N HIS A 65 -3.95 0.36 5.49
CA HIS A 65 -3.24 -0.79 6.14
C HIS A 65 -2.34 -1.73 5.15
N GLN A 66 -3.06 -2.26 4.16
CA GLN A 66 -2.67 -3.35 3.24
C GLN A 66 -1.48 -3.16 2.28
N ASP A 67 -0.87 -4.32 1.93
CA ASP A 67 -0.02 -4.44 0.72
C ASP A 67 -0.75 -5.15 -0.49
N PRO A 68 -1.18 -6.44 -0.45
CA PRO A 68 -1.63 -7.17 -1.70
C PRO A 68 -3.20 -7.19 -1.87
N LEU A 69 -3.82 -8.37 -1.75
CA LEU A 69 -5.29 -8.53 -1.71
C LEU A 69 -5.87 -9.67 -0.81
N PRO A 70 -5.44 -11.01 -0.91
CA PRO A 70 -6.11 -12.19 -0.21
C PRO A 70 -5.81 -12.17 1.32
N GLU A 71 -6.71 -12.80 2.10
CA GLU A 71 -6.49 -13.17 3.51
C GLU A 71 -5.58 -14.41 3.80
N GLN A 72 -4.37 -14.43 3.20
CA GLN A 72 -3.39 -15.53 3.25
C GLN A 72 -2.00 -14.86 3.63
N PRO A 73 -1.69 -14.67 4.96
CA PRO A 73 -0.40 -14.01 5.43
C PRO A 73 0.99 -14.70 5.18
N SER A 74 1.54 -14.53 3.94
CA SER A 74 2.85 -15.15 3.48
C SER A 74 3.59 -14.18 2.50
N SER A 75 4.34 -14.71 1.49
CA SER A 75 5.22 -13.85 0.63
C SER A 75 4.75 -13.72 -0.86
N GLN A 76 4.74 -12.49 -1.38
CA GLN A 76 4.59 -12.17 -2.84
C GLN A 76 3.12 -12.32 -3.40
N HIS A 77 2.34 -11.24 -3.17
CA HIS A 77 0.84 -11.25 -3.27
C HIS A 77 0.01 -12.21 -2.29
N ARG A 78 0.36 -12.11 -1.00
CA ARG A 78 -0.16 -12.95 0.11
C ARG A 78 -0.38 -12.03 1.36
N GLY A 79 0.64 -11.61 2.12
CA GLY A 79 0.53 -10.50 3.13
C GLY A 79 1.76 -9.53 3.23
N ASP A 80 1.97 -8.66 2.20
CA ASP A 80 3.31 -8.11 1.84
C ASP A 80 4.15 -7.28 2.86
N HIS A 81 3.51 -6.73 3.90
CA HIS A 81 4.21 -5.80 4.85
C HIS A 81 3.72 -5.57 6.36
N PRO A 82 2.41 -5.70 6.81
CA PRO A 82 1.97 -5.56 8.24
C PRO A 82 1.84 -6.92 8.99
N THR A 83 1.29 -6.94 10.20
CA THR A 83 0.33 -8.00 10.64
C THR A 83 -1.08 -7.65 10.05
N GLY A 84 -1.35 -8.05 8.77
CA GLY A 84 -2.43 -7.42 7.96
C GLY A 84 -2.43 -7.89 6.46
N PRO A 85 -3.02 -9.07 6.09
CA PRO A 85 -3.05 -9.53 4.67
C PRO A 85 -4.23 -8.87 3.83
N LYS A 86 -5.49 -8.82 4.28
CA LYS A 86 -6.61 -8.16 3.51
C LYS A 86 -7.14 -6.97 4.34
N GLU A 87 -6.43 -5.84 4.48
CA GLU A 87 -6.45 -4.89 5.60
C GLU A 87 -5.09 -5.12 6.30
N MET A 1 0.08 0.90 -12.85
CA MET A 1 -0.44 1.02 -11.47
C MET A 1 -1.22 2.36 -11.24
N ASP A 2 -0.48 3.53 -11.19
CA ASP A 2 -1.12 4.84 -11.13
C ASP A 2 -2.33 5.24 -12.09
N PRO A 3 -2.41 4.99 -13.41
CA PRO A 3 -3.48 5.58 -14.26
C PRO A 3 -4.88 4.96 -14.40
N VAL A 4 -5.34 4.07 -13.51
CA VAL A 4 -6.79 3.61 -13.43
C VAL A 4 -7.61 4.62 -12.57
N ASP A 5 -7.83 4.35 -11.26
CA ASP A 5 -8.45 5.32 -10.32
C ASP A 5 -7.66 5.55 -8.95
N PRO A 6 -7.17 4.61 -8.03
CA PRO A 6 -7.52 3.19 -7.96
C PRO A 6 -8.39 2.79 -6.66
N ASN A 7 -9.31 1.81 -6.75
CA ASN A 7 -10.15 1.38 -5.60
C ASN A 7 -9.56 0.21 -4.81
N LEU A 8 -9.41 -0.99 -5.42
CA LEU A 8 -8.93 -2.22 -4.75
C LEU A 8 -8.01 -3.00 -5.74
N GLU A 9 -6.72 -2.63 -5.73
CA GLU A 9 -5.80 -2.99 -6.87
C GLU A 9 -4.81 -4.17 -6.60
N PRO A 10 -4.40 -5.07 -7.56
CA PRO A 10 -3.36 -6.09 -7.29
C PRO A 10 -2.00 -5.78 -6.53
N TRP A 11 -1.32 -4.66 -6.87
CA TRP A 11 -0.50 -3.90 -5.90
C TRP A 11 -0.53 -2.34 -6.19
N ASN A 12 -1.03 -1.48 -5.27
CA ASN A 12 -0.76 -0.02 -5.27
C ASN A 12 -1.15 0.60 -3.88
N HIS A 13 -0.22 0.76 -2.92
CA HIS A 13 -0.45 1.38 -1.59
C HIS A 13 0.20 2.86 -1.61
N PRO A 14 -0.54 4.00 -1.67
CA PRO A 14 0.04 5.40 -1.50
C PRO A 14 0.79 5.79 -0.17
N GLY A 15 0.17 5.48 1.00
CA GLY A 15 0.63 6.07 2.29
C GLY A 15 0.40 5.16 3.49
N SER A 16 -0.23 5.74 4.51
CA SER A 16 -0.83 4.93 5.62
C SER A 16 -1.83 5.71 6.53
N GLN A 17 -1.42 6.12 7.75
CA GLN A 17 -2.40 6.41 8.81
C GLN A 17 -2.61 7.95 9.18
N PRO A 18 -3.76 8.39 9.73
CA PRO A 18 -4.93 7.55 10.15
C PRO A 18 -6.01 7.24 9.06
N ARG A 19 -6.19 5.96 8.68
CA ARG A 19 -7.13 5.49 7.63
C ARG A 19 -7.40 6.42 6.35
N THR A 20 -6.31 6.96 5.72
CA THR A 20 -6.42 8.25 4.95
C THR A 20 -6.87 8.09 3.45
N PRO A 21 -6.25 7.39 2.47
CA PRO A 21 -4.91 6.74 2.65
C PRO A 21 -3.62 7.57 2.37
N CYS A 22 -3.60 8.52 1.44
CA CYS A 22 -2.34 9.00 0.83
C CYS A 22 -1.22 9.69 1.74
N ASN A 23 -1.50 10.78 2.51
CA ASN A 23 -0.49 11.67 3.18
C ASN A 23 0.45 12.46 2.17
N LYS A 24 1.23 13.44 2.68
CA LYS A 24 2.36 14.04 1.90
C LYS A 24 3.77 13.34 1.98
N CYS A 25 3.77 12.00 2.07
CA CYS A 25 4.96 11.13 2.17
C CYS A 25 4.47 9.64 2.17
N TYR A 26 5.30 8.70 1.66
CA TYR A 26 4.97 7.22 1.69
C TYR A 26 4.94 6.61 3.18
N CYS A 27 3.97 5.71 3.43
CA CYS A 27 3.79 5.06 4.74
C CYS A 27 3.49 6.00 5.96
N LYS A 28 4.49 6.31 6.77
CA LYS A 28 4.38 7.35 7.83
C LYS A 28 3.49 6.92 9.09
N LYS A 29 4.15 6.58 10.22
CA LYS A 29 3.51 6.06 11.47
C LYS A 29 2.71 7.19 12.25
N CYS A 30 1.64 6.79 12.91
CA CYS A 30 0.94 7.63 13.94
C CYS A 30 0.65 6.81 15.26
N CYS A 31 -0.26 5.82 15.46
CA CYS A 31 -1.04 5.14 14.39
C CYS A 31 -0.34 3.80 13.96
N TYR A 32 -1.06 2.71 13.67
CA TYR A 32 -0.49 1.36 13.40
C TYR A 32 0.41 1.21 12.12
N HIS A 33 1.51 0.49 12.24
CA HIS A 33 2.07 -0.41 11.21
C HIS A 33 3.13 -1.33 11.91
N CYS A 34 3.03 -2.66 11.80
CA CYS A 34 4.07 -3.61 12.30
C CYS A 34 5.30 -3.84 11.33
N GLN A 35 6.54 -3.35 11.67
CA GLN A 35 7.73 -3.62 10.79
C GLN A 35 7.78 -3.04 9.35
N MET A 36 7.43 -3.74 8.28
CA MET A 36 8.01 -3.46 6.93
C MET A 36 7.54 -2.11 6.23
N CYS A 37 8.34 -1.03 6.16
CA CYS A 37 7.92 0.25 5.51
C CYS A 37 7.58 0.22 3.99
N PHE A 38 8.51 0.00 3.04
CA PHE A 38 8.17 -0.48 1.64
C PHE A 38 9.37 -1.25 1.08
N ILE A 39 9.20 -2.54 0.83
CA ILE A 39 10.23 -3.44 0.26
C ILE A 39 9.77 -3.81 -1.20
N THR A 40 10.63 -3.56 -2.20
CA THR A 40 10.17 -3.32 -3.60
C THR A 40 10.10 -4.56 -4.55
N LYS A 41 8.96 -5.30 -4.47
CA LYS A 41 8.72 -6.58 -5.19
C LYS A 41 7.55 -6.42 -6.23
N GLY A 42 7.91 -6.26 -7.50
CA GLY A 42 6.96 -5.80 -8.57
C GLY A 42 7.07 -4.30 -8.95
N LEU A 43 8.06 -3.93 -9.78
CA LEU A 43 8.37 -2.51 -10.10
C LEU A 43 7.45 -1.89 -11.23
N GLY A 44 6.13 -1.74 -10.93
CA GLY A 44 5.07 -1.27 -11.91
C GLY A 44 5.14 0.23 -12.29
N ILE A 45 4.44 1.08 -11.53
CA ILE A 45 4.68 2.58 -11.55
C ILE A 45 5.03 3.12 -10.11
N SER A 46 4.06 3.09 -9.16
CA SER A 46 4.28 3.42 -7.71
C SER A 46 5.53 2.81 -6.93
N TYR A 47 5.81 1.47 -7.06
CA TYR A 47 7.15 0.85 -6.90
C TYR A 47 8.14 1.15 -8.11
N GLY A 48 9.22 1.89 -7.84
CA GLY A 48 10.13 2.48 -8.86
C GLY A 48 11.51 3.04 -8.38
N ARG A 49 12.61 2.56 -9.00
CA ARG A 49 13.92 3.27 -9.01
C ARG A 49 13.92 4.55 -9.90
N LYS A 50 13.78 4.49 -11.25
CA LYS A 50 13.33 5.70 -11.99
C LYS A 50 11.84 5.63 -12.40
N LYS A 51 10.87 5.45 -11.47
CA LYS A 51 9.41 5.55 -11.79
C LYS A 51 8.74 6.36 -10.63
N ARG A 52 8.03 5.67 -9.72
CA ARG A 52 7.58 6.20 -8.41
C ARG A 52 6.59 7.41 -8.43
N ARG A 53 5.26 7.22 -8.42
CA ARG A 53 4.24 8.30 -8.14
C ARG A 53 3.17 7.83 -7.10
N GLN A 54 2.28 8.67 -6.57
CA GLN A 54 1.37 8.42 -5.42
C GLN A 54 -0.08 8.99 -5.72
N ARG A 55 -1.14 8.12 -5.73
CA ARG A 55 -2.51 8.55 -6.14
C ARG A 55 -3.63 8.17 -5.11
N ARG A 56 -4.42 9.15 -4.66
CA ARG A 56 -5.60 8.91 -3.79
C ARG A 56 -6.90 8.81 -4.59
N ARG A 57 -7.79 7.83 -4.22
CA ARG A 57 -9.23 7.83 -4.70
C ARG A 57 -10.24 7.50 -3.55
N PRO A 58 -10.33 6.27 -2.91
CA PRO A 58 -11.41 5.90 -1.91
C PRO A 58 -11.35 6.52 -0.46
N PRO A 59 -12.33 6.22 0.48
CA PRO A 59 -12.36 6.82 1.86
C PRO A 59 -11.12 6.76 2.81
N GLN A 60 -10.29 5.74 3.07
CA GLN A 60 -10.59 4.27 2.86
C GLN A 60 -10.22 3.40 4.14
N GLY A 61 -10.97 2.31 4.42
CA GLY A 61 -10.41 1.08 5.08
C GLY A 61 -9.20 0.47 4.43
N ASN A 62 -9.35 -0.60 3.62
CA ASN A 62 -8.22 -1.49 3.16
C ASN A 62 -6.90 -0.76 2.63
N GLN A 63 -7.03 0.19 1.70
CA GLN A 63 -5.85 0.89 1.09
C GLN A 63 -5.00 1.88 1.98
N ALA A 64 -5.21 1.93 3.31
CA ALA A 64 -4.32 2.61 4.33
C ALA A 64 -3.42 1.63 5.20
N HIS A 65 -3.96 0.43 5.51
CA HIS A 65 -3.25 -0.74 6.12
C HIS A 65 -2.43 -1.62 5.05
N GLN A 66 -3.12 -2.10 4.02
CA GLN A 66 -2.77 -3.32 3.20
C GLN A 66 -1.67 -3.15 2.10
N ASP A 67 -0.88 -4.23 1.85
CA ASP A 67 -0.09 -4.37 0.59
C ASP A 67 -0.92 -5.04 -0.57
N PRO A 68 -1.43 -6.31 -0.49
CA PRO A 68 -1.81 -7.09 -1.68
C PRO A 68 -3.36 -7.20 -1.96
N LEU A 69 -4.07 -8.34 -1.71
CA LEU A 69 -5.57 -8.53 -1.84
C LEU A 69 -6.06 -9.82 -1.03
N PRO A 70 -5.46 -11.03 -0.89
CA PRO A 70 -6.19 -12.18 -0.26
C PRO A 70 -5.88 -12.45 1.24
N GLU A 71 -6.82 -13.02 1.98
CA GLU A 71 -6.70 -13.32 3.40
C GLU A 71 -5.76 -14.44 3.92
N GLN A 72 -4.46 -14.27 3.62
CA GLN A 72 -3.46 -15.38 3.66
C GLN A 72 -2.02 -14.88 4.10
N PRO A 73 -1.49 -14.76 5.37
CA PRO A 73 -0.14 -14.15 5.68
C PRO A 73 1.13 -14.98 5.18
N SER A 74 1.61 -14.68 3.95
CA SER A 74 2.87 -15.33 3.38
C SER A 74 3.69 -14.41 2.37
N SER A 75 4.53 -14.99 1.47
CA SER A 75 5.39 -14.26 0.50
C SER A 75 4.65 -13.97 -0.91
N GLN A 76 4.76 -12.70 -1.36
CA GLN A 76 4.55 -12.30 -2.77
C GLN A 76 3.07 -12.32 -3.32
N HIS A 77 2.36 -11.18 -3.21
CA HIS A 77 0.89 -11.16 -3.21
C HIS A 77 0.10 -12.13 -2.29
N ARG A 78 0.25 -11.96 -0.98
CA ARG A 78 -0.26 -12.89 0.05
C ARG A 78 -0.38 -12.04 1.38
N GLY A 79 0.73 -11.70 2.08
CA GLY A 79 0.69 -10.76 3.23
C GLY A 79 1.85 -9.75 3.27
N ASP A 80 1.91 -8.92 2.24
CA ASP A 80 3.16 -8.21 1.79
C ASP A 80 3.99 -7.33 2.81
N HIS A 81 3.40 -6.69 3.84
CA HIS A 81 4.11 -5.74 4.75
C HIS A 81 3.51 -5.57 6.23
N PRO A 82 2.20 -5.62 6.63
CA PRO A 82 1.78 -5.50 8.07
C PRO A 82 1.69 -6.90 8.82
N THR A 83 1.20 -6.95 10.06
CA THR A 83 0.24 -8.03 10.48
C THR A 83 -1.21 -7.62 9.88
N GLY A 84 -1.54 -8.12 8.67
CA GLY A 84 -2.60 -7.60 7.78
C GLY A 84 -2.60 -8.16 6.34
N PRO A 85 -3.34 -9.25 5.96
CA PRO A 85 -3.43 -9.68 4.54
C PRO A 85 -4.40 -8.96 3.55
N LYS A 86 -5.52 -8.50 4.11
CA LYS A 86 -6.72 -8.00 3.35
C LYS A 86 -7.26 -6.78 4.25
N GLU A 87 -6.64 -5.57 4.27
CA GLU A 87 -6.53 -4.68 5.45
C GLU A 87 -5.25 -5.14 6.26
#